data_7VBV
#
_entry.id   7VBV
#
_cell.length_a   109.300
_cell.length_b   109.300
_cell.length_c   84.288
_cell.angle_alpha   90.000
_cell.angle_beta   90.000
_cell.angle_gamma   120.000
#
_symmetry.space_group_name_H-M   'P 31'
#
loop_
_entity.id
_entity.type
_entity.pdbx_description
1 polymer '[Pyruvate dehydrogenase (acetyl-transferring)] kinase isozyme 2, mitochondrial'
2 non-polymer 'ACETATE ION'
3 non-polymer 'DIMETHYL SULFOXIDE'
4 non-polymer 'methyl 8-cyclopropyl-2-methyl-9H-pyrido[2,3-b]indole-3-carboxylate'
5 non-polymer 'CHLORIDE ION'
6 water water
#
_entity_poly.entity_id   1
_entity_poly.type   'polypeptide(L)'
_entity_poly.pdbx_seq_one_letter_code
;GSAPKYIEHFSKFSPSPLSMKQFLDFGSSNACEKTSFTFLRQELPVRLANIMKEINLLPDRVLSTPSVQLVQSWYVQSLL
DIMEFLDKDPEDHRTLSQFTDALVTIRNRHNDVVPTMAQGVLEYKDTYGDDPVSNQNIQYFLDRFYLSRISIRMLINQHT
LIFDGSTNPAHPKHIGSIDPNCNVSEVVKDAYDMAKLLCDKYYMASPDLEIQEINAANSKQPIHMVYVPSHLYHMLFELF
KNAMRATVESHESSLILPPIKVMVALGEEDLSIKMSDRGGGVPLRKIERLFSYMYSTAPTPQPGTGGTPLAGFGYGLPIS
RLYAKYFQGDLQLFSMEGFGTDAVIYLKALSTDSVERLPVYNKSAWRHYQTIQEAGDWCVPSTEPKNTSTYRVS
;
_entity_poly.pdbx_strand_id   A,B
#
# COMPACT_ATOMS: atom_id res chain seq x y z
N GLY A 1 -26.32 9.04 -35.73
CA GLY A 1 -26.07 10.42 -35.37
C GLY A 1 -26.87 10.87 -34.17
N SER A 2 -27.07 9.97 -33.22
CA SER A 2 -27.79 10.24 -31.98
C SER A 2 -26.98 9.75 -30.78
N ALA A 3 -25.67 9.95 -30.83
CA ALA A 3 -24.81 9.46 -29.76
C ALA A 3 -25.12 10.09 -28.40
N PRO A 4 -25.44 11.38 -28.30
CA PRO A 4 -25.70 11.93 -26.96
C PRO A 4 -26.87 11.28 -26.25
N LYS A 5 -27.91 10.88 -26.99
CA LYS A 5 -29.01 10.16 -26.37
C LYS A 5 -28.65 8.71 -26.09
N TYR A 6 -27.85 8.10 -26.97
CA TYR A 6 -27.41 6.72 -26.72
C TYR A 6 -26.55 6.66 -25.46
N ILE A 7 -25.68 7.64 -25.26
CA ILE A 7 -24.82 7.66 -24.08
C ILE A 7 -25.66 7.81 -22.82
N GLU A 8 -26.66 8.68 -22.87
CA GLU A 8 -27.49 8.92 -21.67
C GLU A 8 -28.32 7.70 -21.32
N HIS A 9 -28.83 7.01 -22.33
CA HIS A 9 -29.66 5.84 -22.07
C HIS A 9 -28.83 4.71 -21.46
N PHE A 10 -27.70 4.39 -22.08
CA PHE A 10 -26.90 3.25 -21.65
C PHE A 10 -26.00 3.57 -20.45
N SER A 11 -25.80 4.84 -20.14
CA SER A 11 -25.05 5.19 -18.94
C SER A 11 -25.79 4.76 -17.69
N LYS A 12 -27.12 4.73 -17.74
CA LYS A 12 -27.90 4.28 -16.59
C LYS A 12 -27.66 2.80 -16.31
N PHE A 13 -27.53 1.99 -17.36
CA PHE A 13 -27.19 0.59 -17.19
C PHE A 13 -25.81 0.43 -16.56
N SER A 14 -25.71 -0.45 -15.55
CA SER A 14 -24.42 -0.74 -14.93
C SER A 14 -23.69 -1.83 -15.71
N PRO A 15 -22.35 -1.78 -15.76
CA PRO A 15 -21.62 -2.89 -16.36
C PRO A 15 -21.86 -4.20 -15.61
N SER A 16 -21.62 -5.30 -16.32
CA SER A 16 -21.87 -6.65 -15.81
C SER A 16 -20.55 -7.39 -15.71
N PRO A 17 -19.90 -7.38 -14.54
CA PRO A 17 -18.69 -8.19 -14.38
C PRO A 17 -18.97 -9.68 -14.54
N LEU A 18 -17.98 -10.41 -15.01
CA LEU A 18 -18.09 -11.84 -15.24
C LEU A 18 -16.96 -12.58 -14.53
N SER A 19 -17.26 -13.77 -14.05
CA SER A 19 -16.28 -14.63 -13.42
C SER A 19 -15.57 -15.48 -14.48
N MET A 20 -14.48 -16.12 -14.05
CA MET A 20 -13.74 -17.00 -14.95
C MET A 20 -14.60 -18.17 -15.41
N LYS A 21 -15.48 -18.67 -14.55
CA LYS A 21 -16.31 -19.81 -14.92
C LYS A 21 -17.27 -19.46 -16.06
N GLN A 22 -17.81 -18.24 -16.04
CA GLN A 22 -18.77 -17.83 -17.06
C GLN A 22 -18.09 -17.71 -18.43
N PHE A 23 -16.84 -17.24 -18.46
CA PHE A 23 -16.13 -17.13 -19.72
C PHE A 23 -15.97 -18.49 -20.38
N LEU A 24 -15.85 -19.55 -19.59
CA LEU A 24 -15.61 -20.88 -20.15
C LEU A 24 -16.88 -21.46 -20.77
N ASP A 25 -18.02 -21.28 -20.11
CA ASP A 25 -19.26 -21.80 -20.66
C ASP A 25 -19.62 -21.11 -21.97
N PHE A 26 -19.31 -19.82 -22.10
CA PHE A 26 -19.48 -19.16 -23.38
C PHE A 26 -18.58 -19.78 -24.44
N GLY A 27 -17.30 -19.92 -24.12
CA GLY A 27 -16.36 -20.56 -25.02
C GLY A 27 -16.37 -22.06 -24.96
N SER A 28 -17.35 -22.66 -24.29
CA SER A 28 -17.41 -24.11 -24.22
C SER A 28 -17.69 -24.73 -25.58
N SER A 29 -18.44 -24.04 -26.44
CA SER A 29 -18.79 -24.58 -27.74
C SER A 29 -19.07 -23.43 -28.69
N ASN A 30 -18.95 -23.72 -29.98
CA ASN A 30 -19.30 -22.73 -31.00
C ASN A 30 -20.80 -22.49 -31.07
N ALA A 31 -21.61 -23.39 -30.52
CA ALA A 31 -23.06 -23.22 -30.56
C ALA A 31 -23.53 -22.05 -29.72
N CYS A 32 -22.71 -21.59 -28.77
CA CYS A 32 -23.06 -20.46 -27.92
C CYS A 32 -22.81 -19.12 -28.58
N GLU A 33 -22.63 -19.10 -29.90
CA GLU A 33 -22.34 -17.86 -30.60
C GLU A 33 -23.53 -16.90 -30.55
N LYS A 34 -24.75 -17.44 -30.63
CA LYS A 34 -25.93 -16.58 -30.59
C LYS A 34 -26.10 -15.94 -29.22
N THR A 35 -25.89 -16.71 -28.16
CA THR A 35 -26.03 -16.17 -26.82
C THR A 35 -24.99 -15.09 -26.54
N SER A 36 -23.78 -15.28 -27.05
CA SER A 36 -22.75 -14.26 -26.90
C SER A 36 -23.09 -13.00 -27.68
N PHE A 37 -23.69 -13.16 -28.86
CA PHE A 37 -24.07 -12.00 -29.66
C PHE A 37 -25.16 -11.19 -28.98
N THR A 38 -26.19 -11.86 -28.48
CA THR A 38 -27.29 -11.14 -27.82
C THR A 38 -26.82 -10.45 -26.56
N PHE A 39 -25.84 -11.03 -25.86
CA PHE A 39 -25.31 -10.40 -24.66
C PHE A 39 -24.39 -9.25 -25.00
N LEU A 40 -23.47 -9.45 -25.93
CA LEU A 40 -22.44 -8.44 -26.19
C LEU A 40 -23.00 -7.20 -26.87
N ARG A 41 -24.04 -7.35 -27.69
CA ARG A 41 -24.63 -6.18 -28.34
C ARG A 41 -25.28 -5.27 -27.30
N GLN A 42 -25.73 -5.82 -26.18
CA GLN A 42 -26.27 -5.04 -25.09
C GLN A 42 -25.19 -4.53 -24.15
N GLU A 43 -24.26 -5.40 -23.75
CA GLU A 43 -23.31 -5.05 -22.69
C GLU A 43 -22.24 -4.09 -23.19
N LEU A 44 -21.80 -4.24 -24.44
CA LEU A 44 -20.75 -3.37 -24.96
C LEU A 44 -21.15 -1.90 -24.95
N PRO A 45 -22.31 -1.50 -25.46
CA PRO A 45 -22.69 -0.08 -25.37
C PRO A 45 -22.88 0.40 -23.94
N VAL A 46 -23.13 -0.50 -22.99
CA VAL A 46 -23.24 -0.08 -21.60
C VAL A 46 -21.87 0.32 -21.06
N ARG A 47 -20.86 -0.51 -21.32
CA ARG A 47 -19.52 -0.18 -20.86
C ARG A 47 -18.95 1.02 -21.61
N LEU A 48 -19.27 1.13 -22.90
CA LEU A 48 -18.83 2.30 -23.66
C LEU A 48 -19.51 3.57 -23.15
N ALA A 49 -20.84 3.53 -23.02
CA ALA A 49 -21.57 4.73 -22.61
C ALA A 49 -21.21 5.16 -21.21
N ASN A 50 -20.89 4.22 -20.33
CA ASN A 50 -20.55 4.58 -18.96
C ASN A 50 -19.25 5.36 -18.91
N ILE A 51 -18.21 4.87 -19.58
CA ILE A 51 -16.94 5.59 -19.62
C ILE A 51 -17.06 6.83 -20.50
N MET A 52 -17.85 6.73 -21.58
CA MET A 52 -18.03 7.90 -22.45
C MET A 52 -18.73 9.03 -21.72
N LYS A 53 -19.70 8.69 -20.87
CA LYS A 53 -20.31 9.72 -20.03
C LYS A 53 -19.30 10.29 -19.06
N GLU A 54 -18.46 9.44 -18.47
CA GLU A 54 -17.41 9.94 -17.59
C GLU A 54 -16.41 10.79 -18.35
N ILE A 55 -16.16 10.47 -19.62
CA ILE A 55 -15.27 11.30 -20.43
C ILE A 55 -15.89 12.66 -20.67
N ASN A 56 -17.18 12.71 -20.95
CA ASN A 56 -17.83 13.99 -21.23
C ASN A 56 -17.95 14.86 -19.98
N LEU A 57 -18.00 14.26 -18.80
CA LEU A 57 -18.05 15.03 -17.56
C LEU A 57 -16.72 15.66 -17.20
N LEU A 58 -15.66 15.39 -17.96
CA LEU A 58 -14.38 15.99 -17.68
C LEU A 58 -14.43 17.49 -17.93
N PRO A 59 -13.52 18.26 -17.33
CA PRO A 59 -13.49 19.70 -17.62
C PRO A 59 -13.13 19.95 -19.08
N ASP A 60 -13.58 21.11 -19.56
CA ASP A 60 -13.44 21.40 -20.98
C ASP A 60 -11.99 21.62 -21.37
N ARG A 61 -11.15 22.06 -20.42
CA ARG A 61 -9.74 22.23 -20.73
C ARG A 61 -9.10 20.92 -21.14
N VAL A 62 -9.54 19.82 -20.55
CA VAL A 62 -9.07 18.50 -20.95
C VAL A 62 -9.89 17.96 -22.11
N LEU A 63 -11.22 18.13 -22.04
CA LEU A 63 -12.09 17.56 -23.06
C LEU A 63 -11.89 18.21 -24.42
N SER A 64 -11.48 19.47 -24.45
CA SER A 64 -11.35 20.19 -25.72
C SER A 64 -10.02 19.93 -26.43
N THR A 65 -9.09 19.20 -25.82
CA THR A 65 -7.81 18.96 -26.45
C THR A 65 -7.99 18.03 -27.66
N PRO A 66 -7.10 18.13 -28.66
CA PRO A 66 -7.26 17.27 -29.84
C PRO A 66 -7.10 15.80 -29.52
N SER A 67 -6.28 15.45 -28.54
CA SER A 67 -6.10 14.05 -28.18
C SER A 67 -7.39 13.46 -27.61
N VAL A 68 -8.04 14.20 -26.72
CA VAL A 68 -9.27 13.70 -26.11
C VAL A 68 -10.39 13.65 -27.12
N GLN A 69 -10.46 14.65 -28.01
CA GLN A 69 -11.49 14.64 -29.04
C GLN A 69 -11.34 13.46 -29.98
N LEU A 70 -10.09 13.06 -30.26
CA LEU A 70 -9.88 11.93 -31.15
C LEU A 70 -10.35 10.63 -30.54
N VAL A 71 -10.02 10.40 -29.27
CA VAL A 71 -10.42 9.15 -28.62
C VAL A 71 -11.92 9.11 -28.43
N GLN A 72 -12.53 10.24 -28.08
CA GLN A 72 -13.98 10.28 -27.96
C GLN A 72 -14.65 10.02 -29.30
N SER A 73 -14.03 10.46 -30.40
CA SER A 73 -14.58 10.18 -31.71
C SER A 73 -14.51 8.69 -32.03
N TRP A 74 -13.46 8.02 -31.58
CA TRP A 74 -13.36 6.57 -31.78
C TRP A 74 -14.43 5.83 -31.00
N TYR A 75 -14.66 6.23 -29.74
CA TYR A 75 -15.67 5.57 -28.92
C TYR A 75 -17.06 5.77 -29.51
N VAL A 76 -17.34 6.96 -30.04
CA VAL A 76 -18.63 7.21 -30.65
C VAL A 76 -18.82 6.34 -31.90
N GLN A 77 -17.80 6.26 -32.74
CA GLN A 77 -17.91 5.46 -33.95
C GLN A 77 -18.14 3.99 -33.61
N SER A 78 -17.35 3.45 -32.69
CA SER A 78 -17.54 2.07 -32.28
C SER A 78 -18.87 1.85 -31.57
N LEU A 79 -19.33 2.85 -30.82
CA LEU A 79 -20.65 2.74 -30.20
C LEU A 79 -21.73 2.65 -31.26
N LEU A 80 -21.70 3.58 -32.22
CA LEU A 80 -22.70 3.56 -33.28
C LEU A 80 -22.54 2.35 -34.18
N ASP A 81 -21.33 1.81 -34.27
CA ASP A 81 -21.12 0.60 -35.08
C ASP A 81 -21.78 -0.61 -34.44
N ILE A 82 -21.74 -0.71 -33.12
CA ILE A 82 -22.30 -1.88 -32.44
C ILE A 82 -23.81 -1.81 -32.41
N MET A 83 -24.38 -0.61 -32.43
CA MET A 83 -25.82 -0.43 -32.29
C MET A 83 -26.57 -0.79 -33.58
N GLU A 84 -25.88 -0.94 -34.71
CA GLU A 84 -26.52 -1.39 -35.93
C GLU A 84 -26.99 -2.84 -35.85
N PHE A 85 -26.38 -3.64 -34.98
CA PHE A 85 -26.75 -5.04 -34.81
C PHE A 85 -27.83 -5.26 -33.77
N LEU A 86 -28.27 -4.20 -33.08
CA LEU A 86 -29.27 -4.37 -32.03
C LEU A 86 -30.60 -4.85 -32.60
N ASP A 87 -30.97 -4.37 -33.78
CA ASP A 87 -32.23 -4.72 -34.40
C ASP A 87 -32.15 -5.99 -35.24
N LYS A 88 -30.96 -6.55 -35.44
CA LYS A 88 -30.82 -7.69 -36.32
C LYS A 88 -31.21 -8.99 -35.62
N ASP A 89 -31.33 -10.04 -36.43
CA ASP A 89 -31.79 -11.33 -35.94
C ASP A 89 -30.59 -12.21 -35.60
N PRO A 90 -30.49 -12.74 -34.37
CA PRO A 90 -29.37 -13.65 -34.06
C PRO A 90 -29.45 -14.99 -34.79
N GLU A 91 -30.63 -15.40 -35.25
CA GLU A 91 -30.76 -16.69 -35.91
C GLU A 91 -30.11 -16.69 -37.29
N ASP A 92 -29.81 -15.53 -37.85
CA ASP A 92 -29.12 -15.44 -39.13
C ASP A 92 -27.62 -15.51 -38.89
N HIS A 93 -26.97 -16.53 -39.48
CA HIS A 93 -25.53 -16.69 -39.28
C HIS A 93 -24.75 -15.53 -39.90
N ARG A 94 -25.29 -14.90 -40.95
CA ARG A 94 -24.65 -13.72 -41.52
C ARG A 94 -24.62 -12.57 -40.53
N THR A 95 -25.64 -12.47 -39.67
CA THR A 95 -25.63 -11.44 -38.63
C THR A 95 -24.48 -11.68 -37.65
N LEU A 96 -24.21 -12.93 -37.32
CA LEU A 96 -23.13 -13.26 -36.41
C LEU A 96 -21.77 -12.98 -37.03
N SER A 97 -21.60 -13.34 -38.30
CA SER A 97 -20.31 -13.13 -38.97
C SER A 97 -20.03 -11.63 -39.13
N GLN A 98 -21.07 -10.83 -39.33
CA GLN A 98 -20.87 -9.40 -39.53
C GLN A 98 -20.45 -8.74 -38.22
N PHE A 99 -20.92 -9.28 -37.09
CA PHE A 99 -20.64 -8.72 -35.75
C PHE A 99 -19.15 -8.86 -35.42
N THR A 100 -18.57 -10.02 -35.71
CA THR A 100 -17.15 -10.31 -35.43
C THR A 100 -16.28 -9.29 -36.19
N ASP A 101 -16.54 -9.10 -37.48
CA ASP A 101 -15.75 -8.18 -38.31
C ASP A 101 -15.87 -6.78 -37.71
N ALA A 102 -17.05 -6.46 -37.20
CA ALA A 102 -17.29 -5.16 -36.60
C ALA A 102 -16.38 -5.03 -35.36
N LEU A 103 -16.33 -6.08 -34.55
CA LEU A 103 -15.56 -6.05 -33.31
C LEU A 103 -14.06 -5.96 -33.64
N VAL A 104 -13.61 -6.65 -34.68
CA VAL A 104 -12.20 -6.68 -35.11
C VAL A 104 -11.82 -5.27 -35.61
N THR A 105 -12.77 -4.58 -36.25
CA THR A 105 -12.56 -3.21 -36.76
C THR A 105 -12.64 -2.23 -35.60
N ILE A 106 -13.48 -2.51 -34.60
CA ILE A 106 -13.60 -1.67 -33.41
C ILE A 106 -12.23 -1.63 -32.70
N ARG A 107 -11.59 -2.80 -32.55
CA ARG A 107 -10.27 -2.87 -31.91
C ARG A 107 -9.21 -2.10 -32.73
N ASN A 108 -9.26 -2.19 -34.06
CA ASN A 108 -8.23 -1.55 -34.88
C ASN A 108 -8.23 -0.04 -34.70
N ARG A 109 -9.39 0.56 -34.46
CA ARG A 109 -9.43 1.99 -34.22
C ARG A 109 -8.77 2.35 -32.89
N HIS A 110 -8.98 1.54 -31.86
CA HIS A 110 -8.49 1.82 -30.51
C HIS A 110 -7.14 1.17 -30.24
N ASN A 111 -6.37 0.85 -31.27
CA ASN A 111 -5.07 0.24 -31.07
C ASN A 111 -4.10 1.20 -30.39
N ASP A 112 -4.05 2.44 -30.85
CA ASP A 112 -3.09 3.43 -30.36
C ASP A 112 -3.71 4.36 -29.32
N VAL A 113 -4.42 3.78 -28.36
CA VAL A 113 -5.09 4.59 -27.34
C VAL A 113 -4.11 4.99 -26.25
N VAL A 114 -3.27 4.07 -25.80
CA VAL A 114 -2.39 4.33 -24.67
C VAL A 114 -1.33 5.35 -25.08
N PRO A 115 -0.72 5.25 -26.26
CA PRO A 115 0.18 6.33 -26.69
C PRO A 115 -0.52 7.65 -26.88
N THR A 116 -1.77 7.62 -27.37
CA THR A 116 -2.52 8.85 -27.56
C THR A 116 -2.80 9.55 -26.24
N MET A 117 -3.21 8.78 -25.23
CA MET A 117 -3.47 9.37 -23.92
C MET A 117 -2.20 9.89 -23.27
N ALA A 118 -1.07 9.23 -23.54
CA ALA A 118 0.20 9.71 -22.99
C ALA A 118 0.55 11.10 -23.55
N GLN A 119 0.12 11.38 -24.78
CA GLN A 119 0.37 12.70 -25.35
C GLN A 119 -0.41 13.77 -24.60
N GLY A 120 -1.68 13.50 -24.28
CA GLY A 120 -2.49 14.49 -23.58
C GLY A 120 -1.97 14.82 -22.20
N VAL A 121 -1.34 13.84 -21.53
CA VAL A 121 -0.77 14.09 -20.21
C VAL A 121 0.46 14.99 -20.34
N LEU A 122 1.33 14.69 -21.31
CA LEU A 122 2.50 15.53 -21.52
C LEU A 122 2.10 16.94 -21.93
N GLU A 123 1.05 17.07 -22.75
CA GLU A 123 0.52 18.38 -23.07
C GLU A 123 0.01 19.07 -21.81
N TYR A 124 -0.60 18.31 -20.90
CA TYR A 124 -1.11 18.90 -19.68
C TYR A 124 0.01 19.41 -18.79
N LYS A 125 1.10 18.66 -18.70
CA LYS A 125 2.21 19.08 -17.84
C LYS A 125 2.81 20.39 -18.30
N ASP A 126 2.94 20.57 -19.62
CA ASP A 126 3.56 21.78 -20.15
C ASP A 126 2.59 22.93 -20.27
N THR A 127 1.29 22.67 -20.23
CA THR A 127 0.28 23.72 -20.35
C THR A 127 -0.35 24.10 -19.02
N TYR A 128 -0.51 23.16 -18.09
CA TYR A 128 -1.15 23.45 -16.82
C TYR A 128 -0.31 23.07 -15.61
N GLY A 129 0.84 22.43 -15.80
CA GLY A 129 1.74 22.09 -14.72
C GLY A 129 1.48 20.70 -14.17
N ASP A 130 2.43 20.23 -13.35
CA ASP A 130 2.38 18.88 -12.78
C ASP A 130 2.26 18.97 -11.25
N ASP A 131 1.11 19.42 -10.77
CA ASP A 131 0.88 19.60 -9.36
C ASP A 131 0.24 18.35 -8.76
N PRO A 132 0.34 18.16 -7.43
CA PRO A 132 -0.19 16.92 -6.85
C PRO A 132 -1.66 16.70 -7.14
N VAL A 133 -2.45 17.77 -7.16
CA VAL A 133 -3.89 17.63 -7.36
C VAL A 133 -4.16 17.17 -8.78
N SER A 134 -3.34 17.62 -9.73
CA SER A 134 -3.50 17.21 -11.13
C SER A 134 -3.17 15.75 -11.31
N ASN A 135 -2.22 15.24 -10.53
CA ASN A 135 -1.85 13.84 -10.58
C ASN A 135 -2.97 12.95 -10.06
N GLN A 136 -3.62 13.37 -8.97
CA GLN A 136 -4.71 12.57 -8.41
C GLN A 136 -5.88 12.49 -9.38
N ASN A 137 -6.17 13.59 -10.07
CA ASN A 137 -7.28 13.58 -11.02
C ASN A 137 -6.92 12.79 -12.27
N ILE A 138 -5.67 12.89 -12.72
CA ILE A 138 -5.24 12.14 -13.90
C ILE A 138 -5.12 10.65 -13.56
N GLN A 139 -4.62 10.34 -12.36
CA GLN A 139 -4.55 8.94 -11.95
C GLN A 139 -5.93 8.33 -11.79
N TYR A 140 -6.88 9.11 -11.27
CA TYR A 140 -8.22 8.58 -11.03
C TYR A 140 -8.91 8.18 -12.32
N PHE A 141 -8.88 9.07 -13.32
CA PHE A 141 -9.60 8.78 -14.56
C PHE A 141 -8.89 7.73 -15.39
N LEU A 142 -7.56 7.81 -15.50
CA LEU A 142 -6.84 6.91 -16.39
C LEU A 142 -6.89 5.47 -15.88
N ASP A 143 -6.82 5.29 -14.56
CA ASP A 143 -7.00 3.95 -14.01
C ASP A 143 -8.37 3.41 -14.36
N ARG A 144 -9.42 4.21 -14.17
CA ARG A 144 -10.76 3.77 -14.52
C ARG A 144 -10.92 3.63 -16.02
N PHE A 145 -10.37 4.56 -16.79
CA PHE A 145 -10.49 4.49 -18.24
C PHE A 145 -9.77 3.27 -18.79
N TYR A 146 -8.53 3.06 -18.35
CA TYR A 146 -7.79 1.90 -18.82
C TYR A 146 -8.38 0.60 -18.30
N LEU A 147 -8.87 0.62 -17.06
CA LEU A 147 -9.55 -0.56 -16.52
C LEU A 147 -10.79 -0.88 -17.32
N SER A 148 -11.51 0.15 -17.78
CA SER A 148 -12.60 -0.06 -18.70
C SER A 148 -12.11 -0.57 -20.05
N ARG A 149 -10.97 -0.05 -20.51
CA ARG A 149 -10.41 -0.50 -21.77
C ARG A 149 -9.99 -1.97 -21.68
N ILE A 150 -9.38 -2.37 -20.57
CA ILE A 150 -9.00 -3.76 -20.39
C ILE A 150 -10.23 -4.65 -20.41
N SER A 151 -11.31 -4.21 -19.77
CA SER A 151 -12.52 -5.02 -19.68
C SER A 151 -13.19 -5.15 -21.05
N ILE A 152 -13.21 -4.07 -21.82
CA ILE A 152 -13.90 -4.10 -23.11
C ILE A 152 -13.15 -4.96 -24.11
N ARG A 153 -11.83 -4.77 -24.20
CA ARG A 153 -11.03 -5.56 -25.13
C ARG A 153 -10.99 -7.03 -24.74
N MET A 154 -11.18 -7.33 -23.45
CA MET A 154 -11.27 -8.71 -22.99
C MET A 154 -12.46 -9.42 -23.63
N LEU A 155 -13.61 -8.74 -23.68
CA LEU A 155 -14.83 -9.35 -24.20
C LEU A 155 -14.69 -9.61 -25.70
N ILE A 156 -14.05 -8.68 -26.41
CA ILE A 156 -13.92 -8.78 -27.87
C ILE A 156 -13.01 -9.95 -28.24
N ASN A 157 -11.90 -10.12 -27.53
CA ASN A 157 -10.90 -11.13 -27.90
C ASN A 157 -11.46 -12.54 -27.73
N GLN A 158 -12.33 -12.74 -26.74
CA GLN A 158 -12.89 -14.07 -26.48
C GLN A 158 -13.82 -14.50 -27.62
N HIS A 159 -14.55 -13.56 -28.21
CA HIS A 159 -15.48 -13.91 -29.28
C HIS A 159 -14.75 -14.14 -30.60
N THR A 160 -13.79 -13.27 -30.93
CA THR A 160 -13.09 -13.41 -32.21
C THR A 160 -12.27 -14.68 -32.25
N LEU A 161 -11.68 -15.07 -31.12
CA LEU A 161 -10.79 -16.23 -31.11
C LEU A 161 -11.57 -17.54 -31.04
N ILE A 162 -12.62 -17.59 -30.22
CA ILE A 162 -13.43 -18.79 -30.13
C ILE A 162 -14.18 -19.04 -31.44
N PHE A 163 -14.98 -18.07 -31.86
CA PHE A 163 -15.85 -18.23 -33.03
C PHE A 163 -15.09 -17.77 -34.28
N ASP A 164 -14.14 -18.61 -34.68
CA ASP A 164 -13.34 -18.39 -35.87
C ASP A 164 -13.57 -19.43 -36.96
N GLY A 165 -13.99 -20.64 -36.59
CA GLY A 165 -14.25 -21.68 -37.56
C GLY A 165 -15.04 -22.83 -36.97
N LYS A 173 -8.18 -26.71 -25.71
CA LYS A 173 -7.36 -26.57 -24.51
C LYS A 173 -7.39 -25.14 -24.00
N HIS A 174 -7.22 -24.18 -24.92
CA HIS A 174 -7.25 -22.76 -24.59
C HIS A 174 -8.60 -22.19 -25.00
N ILE A 175 -9.32 -21.61 -24.04
CA ILE A 175 -10.65 -21.03 -24.30
C ILE A 175 -10.40 -19.56 -24.65
N GLY A 176 -10.09 -19.32 -25.93
CA GLY A 176 -9.82 -17.98 -26.40
C GLY A 176 -8.53 -17.43 -25.82
N SER A 177 -8.62 -16.40 -25.00
CA SER A 177 -7.47 -15.81 -24.32
C SER A 177 -7.22 -16.40 -22.94
N ILE A 178 -8.09 -17.30 -22.47
CA ILE A 178 -7.97 -17.87 -21.14
C ILE A 178 -7.40 -19.28 -21.25
N ASP A 179 -6.42 -19.58 -20.39
CA ASP A 179 -5.82 -20.92 -20.31
C ASP A 179 -6.21 -21.57 -19.00
N PRO A 180 -7.16 -22.52 -18.99
CA PRO A 180 -7.54 -23.15 -17.72
C PRO A 180 -6.43 -23.94 -17.07
N ASN A 181 -5.43 -24.36 -17.83
CA ASN A 181 -4.27 -25.07 -17.30
C ASN A 181 -3.04 -24.20 -17.43
N CYS A 182 -3.14 -22.96 -16.98
CA CYS A 182 -2.05 -21.99 -17.13
C CYS A 182 -0.91 -22.35 -16.18
N ASN A 183 0.24 -22.73 -16.75
CA ASN A 183 1.44 -22.96 -15.96
C ASN A 183 2.10 -21.62 -15.68
N VAL A 184 2.07 -21.19 -14.42
CA VAL A 184 2.57 -19.86 -14.07
C VAL A 184 4.08 -19.80 -14.29
N SER A 185 4.79 -20.87 -13.97
CA SER A 185 6.24 -20.85 -14.10
C SER A 185 6.66 -20.71 -15.56
N GLU A 186 5.91 -21.32 -16.47
CA GLU A 186 6.24 -21.20 -17.88
C GLU A 186 6.05 -19.77 -18.38
N VAL A 187 4.99 -19.11 -17.92
CA VAL A 187 4.78 -17.72 -18.30
C VAL A 187 5.87 -16.84 -17.72
N VAL A 188 6.34 -17.17 -16.52
CA VAL A 188 7.46 -16.43 -15.94
C VAL A 188 8.70 -16.62 -16.79
N LYS A 189 8.97 -17.85 -17.19
CA LYS A 189 10.16 -18.13 -18.00
C LYS A 189 10.08 -17.45 -19.35
N ASP A 190 8.89 -17.39 -19.95
CA ASP A 190 8.75 -16.75 -21.24
C ASP A 190 8.97 -15.25 -21.14
N ALA A 191 8.43 -14.62 -20.11
CA ALA A 191 8.65 -13.19 -19.92
C ALA A 191 10.11 -12.88 -19.63
N TYR A 192 10.79 -13.77 -18.91
CA TYR A 192 12.22 -13.59 -18.68
C TYR A 192 13.01 -13.69 -19.98
N ASP A 193 12.65 -14.65 -20.84
CA ASP A 193 13.41 -14.86 -22.06
C ASP A 193 13.32 -13.65 -22.98
N MET A 194 12.14 -13.02 -23.04
CA MET A 194 12.01 -11.82 -23.87
C MET A 194 12.81 -10.67 -23.29
N ALA A 195 12.78 -10.50 -21.96
CA ALA A 195 13.57 -9.44 -21.35
C ALA A 195 15.07 -9.72 -21.49
N LYS A 196 15.46 -10.99 -21.41
CA LYS A 196 16.86 -11.34 -21.58
C LYS A 196 17.35 -10.96 -22.97
N LEU A 197 16.53 -11.20 -23.99
CA LEU A 197 16.93 -10.85 -25.35
C LEU A 197 17.15 -9.36 -25.50
N LEU A 198 16.23 -8.56 -24.95
CA LEU A 198 16.41 -7.11 -24.99
C LEU A 198 17.56 -6.67 -24.11
N CYS A 199 17.81 -7.37 -23.02
CA CYS A 199 18.89 -6.98 -22.11
C CYS A 199 20.25 -7.23 -22.74
N ASP A 200 20.43 -8.37 -23.41
CA ASP A 200 21.71 -8.67 -24.02
C ASP A 200 22.00 -7.79 -25.23
N LYS A 201 20.95 -7.26 -25.88
CA LYS A 201 21.18 -6.34 -27.00
C LYS A 201 21.52 -4.95 -26.49
N TYR A 202 20.90 -4.52 -25.40
CA TYR A 202 21.16 -3.19 -24.87
C TYR A 202 22.41 -3.16 -24.01
N TYR A 203 22.58 -4.14 -23.13
CA TYR A 203 23.73 -4.25 -22.25
C TYR A 203 24.60 -5.42 -22.69
N MET A 204 25.71 -5.61 -21.96
CA MET A 204 26.66 -6.69 -22.24
C MET A 204 26.53 -7.83 -21.24
N ALA A 205 25.37 -8.00 -20.62
CA ALA A 205 25.15 -9.09 -19.69
C ALA A 205 23.67 -9.14 -19.38
N SER A 206 23.26 -10.22 -18.70
CA SER A 206 21.87 -10.42 -18.35
C SER A 206 21.82 -11.18 -17.02
N PRO A 207 21.04 -10.74 -16.04
CA PRO A 207 20.92 -11.52 -14.81
C PRO A 207 20.29 -12.88 -15.09
N ASP A 208 20.69 -13.85 -14.30
CA ASP A 208 20.13 -15.18 -14.41
C ASP A 208 18.83 -15.27 -13.63
N LEU A 209 18.01 -16.24 -14.00
CA LEU A 209 16.69 -16.44 -13.43
C LEU A 209 16.73 -17.56 -12.40
N GLU A 210 16.01 -17.36 -11.30
CA GLU A 210 15.79 -18.39 -10.29
C GLU A 210 14.32 -18.40 -9.92
N ILE A 211 13.70 -19.58 -9.95
CA ILE A 211 12.29 -19.75 -9.62
C ILE A 211 12.17 -20.75 -8.48
N GLN A 212 11.28 -20.45 -7.53
CA GLN A 212 11.03 -21.32 -6.39
C GLN A 212 9.53 -21.36 -6.16
N GLU A 213 8.89 -22.45 -6.58
CA GLU A 213 7.46 -22.62 -6.38
C GLU A 213 7.18 -23.09 -4.96
N ILE A 214 6.06 -22.62 -4.41
CA ILE A 214 5.64 -22.99 -3.06
C ILE A 214 4.17 -23.37 -3.08
N ASN A 215 3.86 -24.62 -3.44
CA ASN A 215 2.50 -25.13 -3.40
C ASN A 215 2.23 -25.65 -2.00
N ALA A 216 1.44 -24.91 -1.23
CA ALA A 216 1.28 -25.21 0.19
C ALA A 216 0.60 -26.56 0.40
N ALA A 217 -0.50 -26.81 -0.30
CA ALA A 217 -1.26 -28.03 -0.09
C ALA A 217 -0.65 -29.23 -0.81
N ASN A 218 0.07 -29.00 -1.90
CA ASN A 218 0.65 -30.06 -2.73
C ASN A 218 2.09 -29.70 -3.03
N SER A 219 2.94 -29.82 -2.01
CA SER A 219 4.32 -29.36 -2.11
C SER A 219 5.03 -30.05 -3.28
N LYS A 220 5.78 -29.26 -4.04
CA LYS A 220 6.54 -29.67 -5.22
C LYS A 220 5.64 -30.02 -6.41
N GLN A 221 4.33 -30.02 -6.26
CA GLN A 221 3.47 -30.19 -7.41
C GLN A 221 3.48 -28.89 -8.23
N PRO A 222 3.43 -28.97 -9.56
CA PRO A 222 3.43 -27.74 -10.36
C PRO A 222 2.21 -26.88 -10.07
N ILE A 223 2.45 -25.58 -9.96
CA ILE A 223 1.40 -24.61 -9.69
C ILE A 223 0.75 -24.21 -11.01
N HIS A 224 -0.57 -24.39 -11.09
CA HIS A 224 -1.33 -23.97 -12.26
C HIS A 224 -2.61 -23.28 -11.78
N MET A 225 -3.16 -22.43 -12.64
CA MET A 225 -4.36 -21.68 -12.30
C MET A 225 -5.18 -21.49 -13.57
N VAL A 226 -6.26 -20.72 -13.43
CA VAL A 226 -7.07 -20.28 -14.56
C VAL A 226 -6.90 -18.77 -14.66
N TYR A 227 -6.31 -18.30 -15.74
CA TYR A 227 -6.01 -16.89 -15.90
C TYR A 227 -5.78 -16.59 -17.38
N VAL A 228 -5.66 -15.30 -17.68
CA VAL A 228 -5.30 -14.83 -19.02
C VAL A 228 -3.78 -14.72 -19.09
N PRO A 229 -3.08 -15.65 -19.73
CA PRO A 229 -1.60 -15.56 -19.73
C PRO A 229 -1.06 -14.34 -20.45
N SER A 230 -1.81 -13.77 -21.39
CA SER A 230 -1.36 -12.54 -22.04
C SER A 230 -1.28 -11.41 -21.03
N HIS A 231 -2.20 -11.38 -20.07
CA HIS A 231 -2.15 -10.36 -19.03
C HIS A 231 -0.97 -10.61 -18.09
N LEU A 232 -0.78 -11.86 -17.68
CA LEU A 232 0.30 -12.19 -16.76
C LEU A 232 1.67 -11.98 -17.43
N TYR A 233 1.75 -12.25 -18.73
CA TYR A 233 2.97 -11.96 -19.47
C TYR A 233 3.27 -10.46 -19.47
N HIS A 234 2.23 -9.65 -19.70
CA HIS A 234 2.43 -8.21 -19.75
C HIS A 234 2.92 -7.67 -18.41
N MET A 235 2.39 -8.20 -17.31
CA MET A 235 2.80 -7.75 -15.98
C MET A 235 4.23 -8.19 -15.67
N LEU A 236 4.50 -9.48 -15.87
CA LEU A 236 5.82 -10.04 -15.52
C LEU A 236 6.89 -9.48 -16.46
N PHE A 237 6.55 -9.23 -17.72
CA PHE A 237 7.53 -8.72 -18.66
C PHE A 237 7.95 -7.29 -18.31
N GLU A 238 7.00 -6.44 -17.93
CA GLU A 238 7.33 -5.09 -17.53
C GLU A 238 8.15 -5.08 -16.23
N LEU A 239 7.94 -6.07 -15.37
CA LEU A 239 8.74 -6.16 -14.15
C LEU A 239 10.17 -6.61 -14.46
N PHE A 240 10.33 -7.53 -15.41
CA PHE A 240 11.67 -7.99 -15.75
C PHE A 240 12.50 -6.88 -16.37
N LYS A 241 11.89 -6.04 -17.21
CA LYS A 241 12.62 -4.95 -17.83
C LYS A 241 13.14 -3.98 -16.78
N ASN A 242 12.38 -3.76 -15.72
CA ASN A 242 12.83 -2.87 -14.66
C ASN A 242 13.89 -3.54 -13.80
N ALA A 243 13.70 -4.82 -13.47
CA ALA A 243 14.67 -5.52 -12.65
C ALA A 243 16.01 -5.66 -13.36
N MET A 244 15.99 -5.93 -14.67
CA MET A 244 17.23 -6.12 -15.41
C MET A 244 17.93 -4.80 -15.68
N ARG A 245 17.18 -3.74 -15.93
CA ARG A 245 17.79 -2.44 -16.15
C ARG A 245 18.56 -1.99 -14.91
N ALA A 246 17.96 -2.10 -13.74
CA ALA A 246 18.61 -1.65 -12.52
C ALA A 246 19.72 -2.61 -12.09
N THR A 247 19.51 -3.91 -12.27
CA THR A 247 20.54 -4.88 -11.88
C THR A 247 21.81 -4.69 -12.70
N VAL A 248 21.67 -4.50 -14.00
CA VAL A 248 22.84 -4.38 -14.86
C VAL A 248 23.51 -3.03 -14.64
N GLU A 249 22.73 -1.95 -14.59
CA GLU A 249 23.31 -0.63 -14.43
C GLU A 249 23.90 -0.41 -13.05
N SER A 250 23.47 -1.18 -12.05
CA SER A 250 24.02 -1.04 -10.71
C SER A 250 25.35 -1.78 -10.56
N HIS A 251 25.49 -2.94 -11.21
CA HIS A 251 26.71 -3.75 -11.14
C HIS A 251 27.61 -3.54 -12.36
N GLU A 252 27.60 -2.34 -12.95
CA GLU A 252 28.41 -2.10 -14.14
C GLU A 252 29.89 -2.13 -13.79
N SER A 253 30.28 -1.53 -12.66
CA SER A 253 31.66 -1.60 -12.19
C SER A 253 31.96 -2.90 -11.47
N SER A 254 30.96 -3.72 -11.20
CA SER A 254 31.13 -5.00 -10.56
C SER A 254 31.12 -6.12 -11.59
N LEU A 255 31.72 -7.25 -11.21
CA LEU A 255 31.75 -8.43 -12.07
C LEU A 255 30.58 -9.35 -11.81
N ILE A 256 30.24 -9.59 -10.54
CA ILE A 256 29.12 -10.45 -10.21
C ILE A 256 27.81 -9.79 -10.59
N LEU A 257 26.94 -10.54 -11.27
CA LEU A 257 25.60 -10.07 -11.63
C LEU A 257 24.58 -10.94 -10.92
N PRO A 258 23.93 -10.45 -9.86
CA PRO A 258 23.03 -11.31 -9.09
C PRO A 258 21.84 -11.75 -9.93
N PRO A 259 21.24 -12.89 -9.63
CA PRO A 259 20.09 -13.35 -10.40
C PRO A 259 18.80 -12.66 -9.95
N ILE A 260 17.84 -12.67 -10.86
CA ILE A 260 16.50 -12.16 -10.57
C ILE A 260 15.70 -13.34 -10.04
N LYS A 261 15.69 -13.48 -8.70
CA LYS A 261 14.97 -14.57 -8.08
C LYS A 261 13.47 -14.32 -8.11
N VAL A 262 12.71 -15.39 -8.38
CA VAL A 262 11.26 -15.32 -8.44
C VAL A 262 10.70 -16.43 -7.55
N MET A 263 9.57 -16.13 -6.92
CA MET A 263 8.87 -17.09 -6.08
C MET A 263 7.40 -17.11 -6.47
N VAL A 264 6.84 -18.31 -6.58
CA VAL A 264 5.44 -18.51 -6.93
C VAL A 264 4.82 -19.31 -5.80
N ALA A 265 4.07 -18.63 -4.92
CA ALA A 265 3.43 -19.25 -3.79
C ALA A 265 1.95 -19.45 -4.09
N LEU A 266 1.47 -20.67 -3.88
CA LEU A 266 0.06 -21.02 -4.09
C LEU A 266 -0.57 -21.27 -2.71
N GLY A 267 -1.32 -20.29 -2.22
CA GLY A 267 -2.06 -20.42 -1.00
C GLY A 267 -3.50 -20.85 -1.23
N GLU A 268 -4.28 -20.85 -0.14
CA GLU A 268 -5.68 -21.23 -0.25
C GLU A 268 -6.50 -20.20 -1.01
N GLU A 269 -6.08 -18.94 -0.97
CA GLU A 269 -6.79 -17.86 -1.63
C GLU A 269 -5.93 -17.12 -2.65
N ASP A 270 -4.69 -16.82 -2.30
CA ASP A 270 -3.81 -16.02 -3.15
C ASP A 270 -2.86 -16.90 -3.94
N LEU A 271 -2.56 -16.45 -5.15
CA LEU A 271 -1.44 -16.98 -5.93
C LEU A 271 -0.50 -15.81 -6.17
N SER A 272 0.53 -15.70 -5.33
CA SER A 272 1.45 -14.58 -5.33
C SER A 272 2.69 -14.90 -6.17
N ILE A 273 3.23 -13.86 -6.81
CA ILE A 273 4.40 -14.00 -7.67
C ILE A 273 5.38 -12.89 -7.37
N LYS A 274 6.34 -13.14 -6.49
CA LYS A 274 7.34 -12.14 -6.13
C LYS A 274 8.53 -12.21 -7.08
N MET A 275 9.03 -11.04 -7.44
CA MET A 275 10.24 -10.90 -8.26
C MET A 275 11.18 -9.95 -7.54
N SER A 276 12.37 -10.45 -7.19
CA SER A 276 13.35 -9.69 -6.43
C SER A 276 14.59 -9.48 -7.29
N ASP A 277 15.10 -8.26 -7.27
CA ASP A 277 16.36 -7.93 -7.94
C ASP A 277 17.39 -7.48 -6.92
N ARG A 278 18.51 -6.98 -7.41
CA ARG A 278 19.49 -6.26 -6.61
C ARG A 278 19.99 -5.05 -7.38
N GLY A 279 19.05 -4.22 -7.83
CA GLY A 279 19.38 -3.09 -8.67
C GLY A 279 19.64 -1.83 -7.86
N GLY A 280 20.02 -1.99 -6.59
CA GLY A 280 20.27 -0.86 -5.72
C GLY A 280 19.03 -0.29 -5.05
N GLY A 281 17.85 -0.74 -5.44
CA GLY A 281 16.63 -0.32 -4.79
C GLY A 281 16.30 1.14 -5.10
N VAL A 282 15.20 1.58 -4.50
CA VAL A 282 14.67 2.93 -4.69
C VAL A 282 14.22 3.50 -3.36
N PRO A 283 14.39 4.80 -3.15
CA PRO A 283 13.84 5.42 -1.94
C PRO A 283 12.31 5.38 -1.94
N LEU A 284 11.75 5.33 -0.73
CA LEU A 284 10.30 5.23 -0.61
C LEU A 284 9.62 6.45 -1.19
N ARG A 285 10.30 7.60 -1.20
CA ARG A 285 9.73 8.80 -1.76
C ARG A 285 9.38 8.63 -3.24
N LYS A 286 10.16 7.84 -3.96
CA LYS A 286 9.99 7.70 -5.40
C LYS A 286 9.19 6.47 -5.80
N ILE A 287 8.77 5.64 -4.85
CA ILE A 287 7.98 4.46 -5.20
C ILE A 287 6.61 4.88 -5.72
N GLU A 288 6.01 5.90 -5.12
CA GLU A 288 4.73 6.41 -5.61
C GLU A 288 4.87 6.96 -7.03
N ARG A 289 6.04 7.52 -7.35
CA ARG A 289 6.23 8.12 -8.66
C ARG A 289 6.20 7.07 -9.77
N LEU A 290 6.53 5.82 -9.44
CA LEU A 290 6.62 4.80 -10.48
C LEU A 290 5.24 4.42 -11.02
N PHE A 291 4.20 4.56 -10.20
CA PHE A 291 2.85 4.24 -10.63
C PHE A 291 2.05 5.45 -11.10
N SER A 292 2.60 6.66 -10.99
CA SER A 292 1.91 7.86 -11.43
C SER A 292 2.07 8.04 -12.93
N TYR A 293 0.94 8.22 -13.62
CA TYR A 293 0.99 8.43 -15.05
C TYR A 293 1.71 9.74 -15.39
N MET A 294 1.40 10.80 -14.67
CA MET A 294 1.97 12.11 -14.99
C MET A 294 3.46 12.14 -14.67
N TYR A 295 3.84 11.65 -13.50
CA TYR A 295 5.23 11.76 -13.06
C TYR A 295 6.15 10.76 -13.75
N SER A 296 5.61 9.68 -14.32
CA SER A 296 6.43 8.70 -15.03
C SER A 296 6.70 9.17 -16.45
N GLY A 314 6.16 4.77 -20.60
CA GLY A 314 6.47 4.63 -19.20
C GLY A 314 5.24 4.29 -18.36
N TYR A 315 4.23 3.73 -18.99
CA TYR A 315 2.97 3.35 -18.33
C TYR A 315 2.81 1.85 -18.18
N GLY A 316 3.86 1.07 -18.43
CA GLY A 316 3.75 -0.37 -18.30
C GLY A 316 3.51 -0.82 -16.88
N LEU A 317 3.97 -0.05 -15.91
CA LEU A 317 3.81 -0.43 -14.51
C LEU A 317 2.39 -0.18 -14.01
N PRO A 318 1.86 1.03 -14.16
CA PRO A 318 0.46 1.23 -13.72
C PRO A 318 -0.53 0.40 -14.52
N ILE A 319 -0.29 0.21 -15.82
CA ILE A 319 -1.16 -0.65 -16.61
C ILE A 319 -1.03 -2.09 -16.16
N SER A 320 0.19 -2.50 -15.78
CA SER A 320 0.36 -3.85 -15.27
C SER A 320 -0.42 -4.06 -13.98
N ARG A 321 -0.45 -3.04 -13.12
CA ARG A 321 -1.23 -3.15 -11.89
C ARG A 321 -2.72 -3.26 -12.21
N LEU A 322 -3.17 -2.58 -13.27
CA LEU A 322 -4.57 -2.68 -13.66
C LEU A 322 -4.91 -4.08 -14.14
N TYR A 323 -3.98 -4.72 -14.87
CA TYR A 323 -4.21 -6.10 -15.27
C TYR A 323 -4.35 -7.01 -14.05
N ALA A 324 -3.56 -6.76 -13.01
CA ALA A 324 -3.69 -7.53 -11.77
C ALA A 324 -5.04 -7.25 -11.10
N LYS A 325 -5.36 -5.98 -10.89
CA LYS A 325 -6.63 -5.63 -10.26
C LYS A 325 -7.83 -6.07 -11.07
N TYR A 326 -7.67 -6.24 -12.38
CA TYR A 326 -8.81 -6.50 -13.25
C TYR A 326 -9.58 -7.74 -12.84
N PHE A 327 -8.90 -8.72 -12.24
CA PHE A 327 -9.57 -9.90 -11.70
C PHE A 327 -9.37 -9.98 -10.20
N GLN A 328 -9.62 -8.87 -9.51
CA GLN A 328 -9.53 -8.80 -8.05
C GLN A 328 -8.13 -9.09 -7.55
N GLY A 329 -7.12 -8.92 -8.39
CA GLY A 329 -5.75 -9.09 -8.00
C GLY A 329 -5.13 -7.80 -7.52
N ASP A 330 -3.80 -7.77 -7.54
CA ASP A 330 -3.06 -6.56 -7.17
C ASP A 330 -1.62 -6.75 -7.57
N LEU A 331 -0.91 -5.63 -7.71
CA LEU A 331 0.51 -5.62 -7.99
C LEU A 331 1.16 -4.58 -7.10
N GLN A 332 2.13 -5.00 -6.28
CA GLN A 332 2.72 -4.14 -5.28
C GLN A 332 4.23 -4.17 -5.37
N LEU A 333 4.85 -3.07 -4.94
CA LEU A 333 6.29 -2.88 -5.04
C LEU A 333 6.81 -2.40 -3.70
N PHE A 334 7.90 -3.02 -3.25
CA PHE A 334 8.60 -2.57 -2.06
C PHE A 334 10.09 -2.77 -2.27
N SER A 335 10.88 -1.74 -1.94
CA SER A 335 12.29 -1.69 -2.30
C SER A 335 13.13 -1.42 -1.05
N MET A 336 14.44 -1.61 -1.21
CA MET A 336 15.42 -1.29 -0.16
C MET A 336 16.55 -0.54 -0.84
N GLU A 337 16.57 0.78 -0.65
CA GLU A 337 17.58 1.60 -1.30
C GLU A 337 18.96 1.15 -0.84
N GLY A 338 19.87 1.00 -1.81
CA GLY A 338 21.19 0.46 -1.56
C GLY A 338 21.31 -1.02 -1.77
N PHE A 339 20.19 -1.75 -1.87
CA PHE A 339 20.24 -3.18 -2.08
C PHE A 339 19.48 -3.58 -3.34
N GLY A 340 18.16 -3.56 -3.29
CA GLY A 340 17.38 -4.02 -4.42
C GLY A 340 15.91 -3.78 -4.20
N THR A 341 15.11 -4.35 -5.10
CA THR A 341 13.67 -4.14 -5.13
C THR A 341 12.95 -5.47 -5.24
N ASP A 342 11.74 -5.50 -4.68
CA ASP A 342 10.86 -6.66 -4.77
C ASP A 342 9.50 -6.23 -5.31
N ALA A 343 8.93 -7.05 -6.19
CA ALA A 343 7.63 -6.80 -6.78
C ALA A 343 6.80 -8.07 -6.73
N VAL A 344 5.56 -7.95 -6.24
CA VAL A 344 4.68 -9.10 -6.03
C VAL A 344 3.40 -8.88 -6.82
N ILE A 345 3.07 -9.83 -7.69
CA ILE A 345 1.78 -9.86 -8.37
C ILE A 345 0.85 -10.75 -7.55
N TYR A 346 -0.25 -10.19 -7.08
CA TYR A 346 -1.25 -10.94 -6.33
C TYR A 346 -2.40 -11.31 -7.24
N LEU A 347 -2.66 -12.61 -7.36
CA LEU A 347 -3.74 -13.13 -8.17
C LEU A 347 -4.64 -14.03 -7.33
N LYS A 348 -5.92 -14.02 -7.66
CA LYS A 348 -6.87 -14.90 -6.99
C LYS A 348 -6.61 -16.34 -7.41
N ALA A 349 -6.36 -17.21 -6.42
CA ALA A 349 -6.04 -18.60 -6.75
C ALA A 349 -7.24 -19.32 -7.36
N LEU A 350 -8.44 -19.04 -6.88
CA LEU A 350 -9.64 -19.73 -7.32
C LEU A 350 -10.27 -19.00 -8.50
N SER A 351 -10.74 -19.77 -9.48
CA SER A 351 -11.46 -19.17 -10.60
C SER A 351 -12.76 -18.55 -10.13
N THR A 352 -13.32 -19.03 -9.03
CA THR A 352 -14.51 -18.40 -8.47
C THR A 352 -14.21 -16.97 -8.04
N ASP A 353 -13.11 -16.77 -7.33
CA ASP A 353 -12.75 -15.43 -6.88
C ASP A 353 -12.26 -14.54 -8.00
N SER A 354 -11.87 -15.13 -9.13
CA SER A 354 -11.40 -14.36 -10.28
C SER A 354 -12.60 -13.79 -11.02
N VAL A 355 -12.96 -12.55 -10.70
CA VAL A 355 -14.09 -11.87 -11.31
C VAL A 355 -13.65 -10.49 -11.76
N GLU A 356 -14.27 -10.01 -12.85
CA GLU A 356 -13.88 -8.74 -13.43
C GLU A 356 -14.03 -7.61 -12.43
N ARG A 357 -13.00 -6.78 -12.31
CA ARG A 357 -13.04 -5.56 -11.51
C ARG A 357 -13.21 -4.39 -12.47
N LEU A 358 -14.41 -3.82 -12.52
CA LEU A 358 -14.73 -2.71 -13.40
C LEU A 358 -14.80 -1.41 -12.62
N PRO A 359 -14.65 -0.27 -13.29
CA PRO A 359 -14.80 1.02 -12.59
C PRO A 359 -16.22 1.23 -12.12
N VAL A 360 -16.36 1.69 -10.88
CA VAL A 360 -17.68 1.99 -10.33
C VAL A 360 -18.20 3.29 -10.94
N TYR A 361 -19.36 3.23 -11.56
CA TYR A 361 -19.97 4.40 -12.18
C TYR A 361 -21.12 4.94 -11.35
N GLY B 1 -13.79 28.05 35.32
CA GLY B 1 -14.62 27.47 34.29
C GLY B 1 -14.38 28.07 32.92
N SER B 2 -13.15 27.92 32.41
CA SER B 2 -12.76 28.48 31.13
C SER B 2 -11.99 27.47 30.28
N ALA B 3 -12.28 26.17 30.47
CA ALA B 3 -11.59 25.16 29.70
C ALA B 3 -11.89 25.25 28.21
N PRO B 4 -13.13 25.48 27.77
CA PRO B 4 -13.35 25.72 26.35
C PRO B 4 -12.67 26.98 25.86
N LYS B 5 -12.53 27.99 26.71
CA LYS B 5 -11.84 29.20 26.31
C LYS B 5 -10.35 28.95 26.09
N TYR B 6 -9.72 28.19 26.98
CA TYR B 6 -8.31 27.87 26.82
C TYR B 6 -8.07 27.06 25.55
N ILE B 7 -9.01 26.19 25.20
CA ILE B 7 -8.86 25.36 24.01
C ILE B 7 -8.90 26.23 22.75
N GLU B 8 -9.72 27.28 22.77
CA GLU B 8 -9.89 28.11 21.58
C GLU B 8 -8.62 28.88 21.26
N HIS B 9 -7.96 29.43 22.28
CA HIS B 9 -6.81 30.28 22.02
C HIS B 9 -5.66 29.49 21.40
N PHE B 10 -5.26 28.40 22.04
CA PHE B 10 -4.10 27.63 21.60
C PHE B 10 -4.41 26.74 20.41
N SER B 11 -5.69 26.41 20.18
CA SER B 11 -6.05 25.67 18.97
C SER B 11 -5.84 26.51 17.73
N LYS B 12 -5.89 27.83 17.85
CA LYS B 12 -5.65 28.68 16.69
C LYS B 12 -4.23 28.53 16.19
N PHE B 13 -3.26 28.40 17.09
CA PHE B 13 -1.88 28.19 16.68
C PHE B 13 -1.70 26.77 16.14
N SER B 14 -0.98 26.65 15.03
CA SER B 14 -0.66 25.34 14.49
C SER B 14 0.59 24.80 15.17
N PRO B 15 0.68 23.48 15.38
CA PRO B 15 1.90 22.91 15.97
C PRO B 15 3.11 23.10 15.07
N SER B 16 4.26 23.34 15.70
CA SER B 16 5.51 23.53 14.98
C SER B 16 6.29 22.22 14.97
N PRO B 17 6.32 21.49 13.85
CA PRO B 17 7.09 20.24 13.84
C PRO B 17 8.58 20.51 13.97
N LEU B 18 9.23 19.68 14.77
CA LEU B 18 10.65 19.82 15.06
C LEU B 18 11.46 18.75 14.32
N SER B 19 12.71 19.08 14.03
CA SER B 19 13.63 18.15 13.41
C SER B 19 14.43 17.41 14.48
N MET B 20 15.05 16.31 14.06
CA MET B 20 15.98 15.61 14.94
C MET B 20 17.13 16.53 15.35
N LYS B 21 17.57 17.37 14.42
CA LYS B 21 18.62 18.33 14.75
C LYS B 21 18.17 19.29 15.84
N GLN B 22 16.91 19.72 15.80
CA GLN B 22 16.40 20.63 16.82
C GLN B 22 16.32 19.95 18.19
N PHE B 23 15.97 18.67 18.21
CA PHE B 23 15.92 17.95 19.48
C PHE B 23 17.31 17.84 20.09
N LEU B 24 18.33 17.69 19.25
CA LEU B 24 19.70 17.63 19.77
C LEU B 24 20.12 18.97 20.36
N ASP B 25 19.64 20.07 19.78
CA ASP B 25 19.97 21.39 20.29
C ASP B 25 19.34 21.65 21.66
N CYS B 32 20.08 24.48 29.98
CA CYS B 32 19.21 24.91 28.88
C CYS B 32 17.74 24.71 29.26
N GLU B 33 17.48 24.47 30.54
CA GLU B 33 16.12 24.20 30.97
C GLU B 33 15.21 25.40 30.79
N LYS B 34 15.76 26.61 30.86
CA LYS B 34 14.97 27.80 30.64
C LYS B 34 14.44 27.85 29.21
N THR B 35 15.26 27.45 28.25
CA THR B 35 14.84 27.48 26.86
C THR B 35 13.73 26.47 26.60
N SER B 36 13.89 25.26 27.11
CA SER B 36 12.83 24.26 26.95
C SER B 36 11.62 24.60 27.79
N PHE B 37 11.83 25.26 28.94
CA PHE B 37 10.70 25.70 29.76
C PHE B 37 9.84 26.71 29.01
N THR B 38 10.47 27.72 28.41
CA THR B 38 9.72 28.74 27.70
C THR B 38 9.09 28.20 26.41
N PHE B 39 9.76 27.26 25.76
CA PHE B 39 9.22 26.69 24.53
C PHE B 39 8.02 25.80 24.80
N LEU B 40 8.13 24.94 25.82
CA LEU B 40 7.11 23.92 26.01
C LEU B 40 5.82 24.49 26.59
N ARG B 41 5.91 25.55 27.39
CA ARG B 41 4.69 26.14 27.96
C ARG B 41 3.81 26.74 26.88
N GLN B 42 4.38 27.09 25.72
CA GLN B 42 3.60 27.53 24.58
C GLN B 42 3.20 26.35 23.69
N GLU B 43 4.15 25.47 23.40
CA GLU B 43 3.91 24.43 22.40
C GLU B 43 3.00 23.34 22.94
N LEU B 44 3.18 22.94 24.20
CA LEU B 44 2.37 21.87 24.75
C LEU B 44 0.88 22.20 24.72
N PRO B 45 0.42 23.35 25.20
CA PRO B 45 -1.02 23.65 25.09
C PRO B 45 -1.50 23.80 23.67
N VAL B 46 -0.60 24.05 22.72
CA VAL B 46 -1.01 24.12 21.31
C VAL B 46 -1.27 22.72 20.77
N ARG B 47 -0.43 21.75 21.13
CA ARG B 47 -0.64 20.38 20.69
C ARG B 47 -1.80 19.72 21.44
N LEU B 48 -2.02 20.11 22.69
CA LEU B 48 -3.18 19.61 23.42
C LEU B 48 -4.46 20.18 22.85
N ALA B 49 -4.48 21.48 22.53
CA ALA B 49 -5.71 22.13 22.09
C ALA B 49 -6.16 21.60 20.74
N ASN B 50 -5.22 21.30 19.84
CA ASN B 50 -5.60 20.87 18.50
C ASN B 50 -6.27 19.51 18.53
N ILE B 51 -5.75 18.57 19.33
CA ILE B 51 -6.37 17.26 19.40
C ILE B 51 -7.66 17.31 20.21
N MET B 52 -7.67 18.12 21.27
CA MET B 52 -8.92 18.28 22.03
C MET B 52 -10.00 18.92 21.19
N LYS B 53 -9.61 19.76 20.23
CA LYS B 53 -10.58 20.29 19.27
C LYS B 53 -11.19 19.16 18.44
N GLU B 54 -10.36 18.28 17.89
CA GLU B 54 -10.87 17.23 17.04
C GLU B 54 -11.69 16.21 17.82
N ILE B 55 -11.41 16.05 19.11
CA ILE B 55 -12.21 15.15 19.93
C ILE B 55 -13.65 15.63 20.00
N ASN B 56 -13.85 16.94 20.18
CA ASN B 56 -15.19 17.50 20.20
C ASN B 56 -15.84 17.49 18.82
N LEU B 57 -15.05 17.39 17.74
CA LEU B 57 -15.62 17.26 16.41
C LEU B 57 -16.21 15.88 16.16
N LEU B 58 -16.02 14.93 17.07
CA LEU B 58 -16.57 13.60 16.89
C LEU B 58 -18.09 13.63 16.97
N PRO B 59 -18.76 12.63 16.41
CA PRO B 59 -20.21 12.57 16.51
C PRO B 59 -20.66 12.34 17.95
N ASP B 60 -21.97 12.53 18.16
CA ASP B 60 -22.52 12.35 19.49
C ASP B 60 -22.45 10.90 19.95
N ARG B 61 -22.41 9.96 19.00
CA ARG B 61 -22.24 8.56 19.38
C ARG B 61 -20.94 8.34 20.14
N VAL B 62 -19.85 8.86 19.60
CA VAL B 62 -18.53 8.63 20.17
C VAL B 62 -18.20 9.62 21.28
N LEU B 63 -18.52 10.89 21.06
CA LEU B 63 -18.17 11.91 22.04
C LEU B 63 -18.87 11.68 23.36
N SER B 64 -20.08 11.11 23.34
CA SER B 64 -20.83 10.87 24.56
C SER B 64 -20.37 9.63 25.32
N THR B 65 -19.45 8.85 24.78
CA THR B 65 -19.02 7.64 25.45
C THR B 65 -18.23 7.99 26.71
N PRO B 66 -18.19 7.08 27.70
CA PRO B 66 -17.43 7.39 28.92
C PRO B 66 -15.93 7.42 28.70
N SER B 67 -15.42 6.61 27.77
CA SER B 67 -13.99 6.62 27.51
C SER B 67 -13.53 7.95 26.95
N VAL B 68 -14.29 8.50 26.00
CA VAL B 68 -13.92 9.77 25.40
C VAL B 68 -13.96 10.87 26.45
N GLN B 69 -15.04 10.93 27.22
CA GLN B 69 -15.13 11.94 28.28
C GLN B 69 -14.09 11.72 29.36
N LEU B 70 -13.71 10.46 29.58
CA LEU B 70 -12.66 10.18 30.56
C LEU B 70 -11.31 10.72 30.08
N VAL B 71 -10.96 10.47 28.83
CA VAL B 71 -9.70 10.97 28.30
C VAL B 71 -9.72 12.48 28.21
N GLN B 72 -10.88 13.07 27.93
CA GLN B 72 -10.99 14.52 27.91
C GLN B 72 -10.67 15.11 29.28
N SER B 73 -11.07 14.41 30.35
CA SER B 73 -10.79 14.91 31.69
C SER B 73 -9.29 14.96 31.95
N TRP B 74 -8.54 14.00 31.42
CA TRP B 74 -7.09 14.02 31.56
C TRP B 74 -6.49 15.14 30.72
N TYR B 75 -6.93 15.27 29.48
CA TYR B 75 -6.38 16.30 28.61
C TYR B 75 -6.74 17.70 29.11
N VAL B 76 -7.96 17.87 29.62
CA VAL B 76 -8.34 19.14 30.20
C VAL B 76 -7.50 19.43 31.44
N GLN B 77 -7.39 18.44 32.33
CA GLN B 77 -6.59 18.64 33.54
C GLN B 77 -5.13 18.84 33.19
N SER B 78 -4.64 18.15 32.16
CA SER B 78 -3.25 18.33 31.74
C SER B 78 -3.03 19.72 31.15
N LEU B 79 -4.01 20.23 30.41
CA LEU B 79 -3.89 21.57 29.84
C LEU B 79 -3.78 22.62 30.95
N LEU B 80 -4.64 22.52 31.95
CA LEU B 80 -4.64 23.53 33.02
C LEU B 80 -3.35 23.50 33.82
N ASP B 81 -2.69 22.35 33.90
CA ASP B 81 -1.45 22.27 34.67
C ASP B 81 -0.35 23.09 34.03
N ILE B 82 -0.35 23.22 32.71
CA ILE B 82 0.71 23.96 32.03
C ILE B 82 0.51 25.47 32.15
N MET B 83 -0.72 25.91 32.34
CA MET B 83 -1.03 27.34 32.26
C MET B 83 -0.55 28.12 33.49
N GLU B 84 -0.31 27.44 34.61
CA GLU B 84 0.26 28.14 35.77
C GLU B 84 1.62 28.72 35.44
N PHE B 85 2.40 28.03 34.63
CA PHE B 85 3.77 28.42 34.33
C PHE B 85 3.86 29.47 33.23
N LEU B 86 2.74 29.98 32.73
CA LEU B 86 2.79 30.95 31.64
C LEU B 86 3.37 32.27 32.11
N ASP B 87 3.06 32.69 33.33
CA ASP B 87 3.53 33.97 33.86
C ASP B 87 4.63 33.80 34.90
N LYS B 88 5.06 32.57 35.17
CA LYS B 88 6.08 32.36 36.19
C LYS B 88 7.47 32.73 35.66
N ASP B 89 8.46 32.64 36.54
CA ASP B 89 9.81 33.05 36.21
C ASP B 89 10.63 31.86 35.75
N PRO B 90 11.11 31.83 34.50
CA PRO B 90 12.03 30.77 34.11
C PRO B 90 13.33 30.76 34.90
N GLU B 91 13.78 31.93 35.37
CA GLU B 91 15.04 32.01 36.09
C GLU B 91 14.93 31.42 37.49
N ASP B 92 13.72 31.24 38.02
CA ASP B 92 13.55 30.67 39.34
C ASP B 92 13.69 29.15 39.26
N HIS B 93 14.60 28.59 40.05
CA HIS B 93 14.81 27.15 40.02
C HIS B 93 13.58 26.41 40.55
N ARG B 94 12.84 27.01 41.48
CA ARG B 94 11.61 26.39 41.94
C ARG B 94 10.57 26.35 40.83
N THR B 95 10.52 27.39 40.00
CA THR B 95 9.61 27.40 38.86
C THR B 95 9.96 26.28 37.88
N LEU B 96 11.24 26.16 37.53
CA LEU B 96 11.65 25.14 36.57
C LEU B 96 11.45 23.74 37.14
N SER B 97 11.77 23.56 38.43
CA SER B 97 11.60 22.23 39.04
C SER B 97 10.13 21.85 39.13
N GLN B 98 9.27 22.80 39.48
CA GLN B 98 7.83 22.53 39.49
C GLN B 98 7.33 22.18 38.11
N PHE B 99 7.91 22.82 37.09
CA PHE B 99 7.54 22.49 35.72
C PHE B 99 7.93 21.06 35.37
N THR B 100 9.16 20.69 35.68
CA THR B 100 9.60 19.32 35.41
C THR B 100 8.80 18.32 36.23
N ASP B 101 8.46 18.67 37.47
CA ASP B 101 7.62 17.80 38.27
C ASP B 101 6.20 17.74 37.73
N ALA B 102 5.73 18.83 37.12
CA ALA B 102 4.38 18.84 36.57
C ALA B 102 4.25 17.95 35.35
N LEU B 103 5.31 17.80 34.57
CA LEU B 103 5.25 17.00 33.35
C LEU B 103 5.18 15.51 33.66
N VAL B 104 5.82 15.06 34.74
CA VAL B 104 5.84 13.64 35.05
C VAL B 104 4.45 13.14 35.42
N THR B 105 3.71 13.94 36.19
CA THR B 105 2.37 13.51 36.58
C THR B 105 1.43 13.46 35.37
N ILE B 106 1.60 14.39 34.43
CA ILE B 106 0.79 14.37 33.22
C ILE B 106 1.11 13.13 32.39
N ARG B 107 2.38 12.74 32.34
CA ARG B 107 2.76 11.53 31.62
C ARG B 107 2.16 10.30 32.27
N ASN B 108 2.30 10.18 33.59
CA ASN B 108 1.74 9.03 34.30
C ASN B 108 0.23 9.06 34.28
N ARG B 109 -0.36 10.26 34.20
CA ARG B 109 -1.81 10.37 34.14
C ARG B 109 -2.36 9.72 32.88
N HIS B 110 -1.66 9.86 31.77
CA HIS B 110 -2.13 9.38 30.47
C HIS B 110 -1.62 7.99 30.12
N ASN B 111 -1.12 7.24 31.11
CA ASN B 111 -0.57 5.92 30.81
C ASN B 111 -1.65 4.96 30.33
N ASP B 112 -2.83 5.00 30.94
CA ASP B 112 -3.91 4.09 30.57
C ASP B 112 -4.82 4.65 29.48
N VAL B 113 -4.26 5.41 28.55
CA VAL B 113 -5.06 5.95 27.46
C VAL B 113 -5.30 4.91 26.37
N VAL B 114 -4.26 4.17 26.00
CA VAL B 114 -4.41 3.16 24.95
C VAL B 114 -5.43 2.10 25.32
N PRO B 115 -5.35 1.46 26.49
CA PRO B 115 -6.41 0.50 26.85
C PRO B 115 -7.75 1.18 27.07
N THR B 116 -7.76 2.43 27.52
CA THR B 116 -9.02 3.16 27.64
C THR B 116 -9.62 3.42 26.28
N MET B 117 -8.81 3.87 25.33
CA MET B 117 -9.30 4.08 23.98
C MET B 117 -9.67 2.77 23.30
N ALA B 118 -8.89 1.72 23.56
CA ALA B 118 -9.22 0.41 23.01
C ALA B 118 -10.53 -0.10 23.56
N GLN B 119 -10.86 0.24 24.82
CA GLN B 119 -12.15 -0.14 25.37
C GLN B 119 -13.29 0.58 24.66
N GLY B 120 -13.09 1.84 24.30
CA GLY B 120 -14.13 2.59 23.60
C GLY B 120 -14.45 2.03 22.23
N VAL B 121 -13.44 1.49 21.54
CA VAL B 121 -13.68 0.89 20.24
C VAL B 121 -14.55 -0.36 20.39
N LEU B 122 -14.30 -1.15 21.43
CA LEU B 122 -15.13 -2.33 21.66
C LEU B 122 -16.57 -1.94 22.01
N GLU B 123 -16.74 -0.84 22.74
CA GLU B 123 -18.08 -0.35 23.02
C GLU B 123 -18.80 0.04 21.74
N TYR B 124 -18.09 0.65 20.80
CA TYR B 124 -18.73 1.07 19.56
C TYR B 124 -19.05 -0.12 18.67
N LYS B 125 -18.20 -1.14 18.66
CA LYS B 125 -18.44 -2.31 17.82
C LYS B 125 -19.72 -3.01 18.24
N ASP B 126 -19.96 -3.10 19.54
CA ASP B 126 -21.13 -3.79 20.06
C ASP B 126 -22.37 -2.90 20.14
N THR B 127 -22.19 -1.59 20.10
CA THR B 127 -23.30 -0.65 20.25
C THR B 127 -23.86 -0.18 18.91
N TYR B 128 -23.03 -0.05 17.88
CA TYR B 128 -23.48 0.47 16.60
C TYR B 128 -23.07 -0.41 15.41
N GLY B 129 -22.23 -1.42 15.60
CA GLY B 129 -21.83 -2.29 14.53
C GLY B 129 -20.54 -1.84 13.86
N ASP B 130 -20.06 -2.69 12.95
CA ASP B 130 -18.79 -2.50 12.26
C ASP B 130 -19.07 -2.03 10.84
N ASP B 131 -19.39 -0.75 10.70
CA ASP B 131 -19.66 -0.18 9.38
C ASP B 131 -18.39 0.42 8.77
N PRO B 132 -18.32 0.52 7.45
CA PRO B 132 -17.09 1.04 6.83
C PRO B 132 -16.83 2.50 7.13
N VAL B 133 -17.88 3.31 7.22
CA VAL B 133 -17.69 4.74 7.40
C VAL B 133 -17.09 5.02 8.77
N SER B 134 -17.63 4.39 9.81
CA SER B 134 -17.08 4.57 11.15
C SER B 134 -15.68 3.99 11.26
N ASN B 135 -15.38 2.95 10.48
CA ASN B 135 -14.04 2.38 10.51
C ASN B 135 -13.01 3.38 10.03
N GLN B 136 -13.27 4.04 8.90
CA GLN B 136 -12.32 5.02 8.39
C GLN B 136 -12.20 6.21 9.33
N ASN B 137 -13.32 6.61 9.94
CA ASN B 137 -13.28 7.74 10.86
C ASN B 137 -12.55 7.39 12.15
N ILE B 138 -12.78 6.20 12.69
CA ILE B 138 -12.04 5.76 13.86
C ILE B 138 -10.57 5.56 13.50
N GLN B 139 -10.30 4.98 12.34
CA GLN B 139 -8.93 4.86 11.88
C GLN B 139 -8.29 6.23 11.65
N TYR B 140 -9.04 7.13 11.01
CA TYR B 140 -8.53 8.47 10.77
C TYR B 140 -8.30 9.21 12.08
N PHE B 141 -9.20 9.04 13.04
CA PHE B 141 -9.08 9.78 14.29
C PHE B 141 -8.01 9.18 15.21
N LEU B 142 -8.00 7.86 15.35
CA LEU B 142 -7.04 7.23 16.25
C LEU B 142 -5.62 7.34 15.73
N ASP B 143 -5.44 7.36 14.41
CA ASP B 143 -4.12 7.61 13.86
C ASP B 143 -3.61 8.98 14.27
N ARG B 144 -4.49 9.97 14.31
CA ARG B 144 -4.10 11.32 14.68
C ARG B 144 -3.97 11.50 16.18
N PHE B 145 -4.87 10.86 16.95
CA PHE B 145 -4.81 11.00 18.40
C PHE B 145 -3.58 10.32 18.98
N TYR B 146 -3.33 9.07 18.58
CA TYR B 146 -2.18 8.36 19.11
C TYR B 146 -0.88 9.01 18.65
N LEU B 147 -0.86 9.52 17.42
CA LEU B 147 0.33 10.22 16.96
C LEU B 147 0.56 11.50 17.74
N SER B 148 -0.51 12.17 18.17
CA SER B 148 -0.35 13.32 19.04
C SER B 148 0.19 12.91 20.41
N ARG B 149 -0.25 11.76 20.91
CA ARG B 149 0.27 11.27 22.18
C ARG B 149 1.77 11.02 22.09
N ILE B 150 2.24 10.48 20.96
CA ILE B 150 3.66 10.24 20.78
C ILE B 150 4.42 11.55 20.72
N SER B 151 3.86 12.55 20.04
CA SER B 151 4.53 13.84 19.94
C SER B 151 4.67 14.51 21.31
N ILE B 152 3.64 14.38 22.15
CA ILE B 152 3.67 15.01 23.45
C ILE B 152 4.65 14.29 24.38
N ARG B 153 4.61 12.96 24.37
CA ARG B 153 5.52 12.21 25.23
C ARG B 153 6.97 12.43 24.82
N MET B 154 7.22 12.59 23.52
CA MET B 154 8.58 12.84 23.05
C MET B 154 9.12 14.14 23.63
N LEU B 155 8.29 15.18 23.67
CA LEU B 155 8.70 16.43 24.28
C LEU B 155 8.90 16.28 25.78
N ILE B 156 7.97 15.60 26.45
CA ILE B 156 8.05 15.46 27.89
C ILE B 156 9.26 14.63 28.28
N ASN B 157 9.51 13.54 27.56
CA ASN B 157 10.64 12.69 27.89
C ASN B 157 11.96 13.41 27.65
N GLN B 158 12.04 14.20 26.57
CA GLN B 158 13.28 14.91 26.28
C GLN B 158 13.56 15.99 27.31
N HIS B 159 12.52 16.63 27.86
CA HIS B 159 12.72 17.65 28.86
C HIS B 159 13.06 17.05 30.21
N THR B 160 12.25 16.09 30.67
CA THR B 160 12.45 15.53 31.99
C THR B 160 13.77 14.78 32.11
N LEU B 161 14.22 14.16 31.03
CA LEU B 161 15.42 13.34 31.10
C LEU B 161 16.68 14.18 30.93
N ILE B 162 16.65 15.15 30.02
CA ILE B 162 17.82 16.02 29.83
C ILE B 162 18.05 16.87 31.07
N PHE B 163 16.99 17.47 31.60
CA PHE B 163 17.09 18.42 32.72
C PHE B 163 16.80 17.66 34.01
N ASP B 164 17.84 17.07 34.59
CA ASP B 164 17.73 16.35 35.85
C ASP B 164 18.45 17.04 37.00
N GLY B 165 19.47 17.84 36.72
CA GLY B 165 20.20 18.53 37.76
C GLY B 165 21.28 17.67 38.40
N LYS B 173 26.45 12.22 26.51
CA LYS B 173 26.66 11.62 25.19
C LYS B 173 25.33 11.15 24.60
N HIS B 174 24.49 10.57 25.46
CA HIS B 174 23.16 10.12 25.05
C HIS B 174 22.17 11.25 25.35
N ILE B 175 21.54 11.79 24.30
CA ILE B 175 20.66 12.96 24.44
C ILE B 175 19.28 12.43 24.81
N GLY B 176 19.07 12.21 26.11
CA GLY B 176 17.79 11.79 26.61
C GLY B 176 17.35 10.46 26.03
N SER B 177 16.33 10.48 25.17
CA SER B 177 15.85 9.28 24.51
C SER B 177 16.51 9.05 23.15
N ILE B 178 17.33 9.97 22.68
CA ILE B 178 17.90 9.90 21.34
C ILE B 178 19.33 9.40 21.44
N ASP B 179 19.64 8.34 20.69
CA ASP B 179 20.98 7.79 20.62
C ASP B 179 21.63 8.22 19.31
N PRO B 180 22.62 9.13 19.32
CA PRO B 180 23.24 9.55 18.06
C PRO B 180 23.99 8.43 17.34
N ASN B 181 24.46 7.44 18.08
CA ASN B 181 25.14 6.30 17.48
C ASN B 181 24.31 5.04 17.69
N CYS B 182 23.07 5.06 17.21
CA CYS B 182 22.15 3.95 17.39
C CYS B 182 22.52 2.83 16.42
N ASN B 183 23.22 1.83 16.92
CA ASN B 183 23.48 0.62 16.13
C ASN B 183 22.17 -0.14 15.98
N VAL B 184 21.67 -0.22 14.75
CA VAL B 184 20.35 -0.80 14.52
C VAL B 184 20.34 -2.28 14.88
N SER B 185 21.41 -2.99 14.57
CA SER B 185 21.44 -4.43 14.82
C SER B 185 21.46 -4.74 16.30
N GLU B 186 21.94 -3.82 17.12
CA GLU B 186 21.89 -4.02 18.57
C GLU B 186 20.47 -3.98 19.08
N VAL B 187 19.66 -3.05 18.58
CA VAL B 187 18.27 -2.98 19.00
C VAL B 187 17.49 -4.16 18.49
N VAL B 188 17.86 -4.69 17.32
CA VAL B 188 17.18 -5.86 16.79
C VAL B 188 17.41 -7.06 17.69
N LYS B 189 18.65 -7.24 18.16
CA LYS B 189 18.94 -8.37 19.04
C LYS B 189 18.19 -8.23 20.36
N ASP B 190 18.06 -7.00 20.86
CA ASP B 190 17.36 -6.81 22.13
C ASP B 190 15.89 -7.16 21.99
N ALA B 191 15.24 -6.71 20.93
CA ALA B 191 13.83 -7.02 20.74
C ALA B 191 13.62 -8.50 20.46
N TYR B 192 14.54 -9.12 19.74
CA TYR B 192 14.42 -10.55 19.46
C TYR B 192 14.58 -11.37 20.72
N ASP B 193 15.62 -11.08 21.51
CA ASP B 193 15.87 -11.85 22.72
C ASP B 193 14.69 -11.77 23.68
N MET B 194 14.05 -10.61 23.74
CA MET B 194 12.85 -10.47 24.58
C MET B 194 11.71 -11.31 24.02
N ALA B 195 11.44 -11.18 22.72
CA ALA B 195 10.36 -11.96 22.11
C ALA B 195 10.66 -13.45 22.14
N LYS B 196 11.94 -13.82 22.09
CA LYS B 196 12.29 -15.24 22.13
C LYS B 196 11.97 -15.85 23.49
N LEU B 197 12.29 -15.13 24.56
CA LEU B 197 11.99 -15.63 25.90
C LEU B 197 10.48 -15.80 26.08
N LEU B 198 9.69 -14.87 25.56
CA LEU B 198 8.24 -15.02 25.61
C LEU B 198 7.78 -16.19 24.75
N CYS B 199 8.43 -16.38 23.60
CA CYS B 199 8.11 -17.54 22.76
C CYS B 199 8.51 -18.84 23.46
N ASP B 200 9.66 -18.83 24.14
CA ASP B 200 10.11 -20.03 24.85
C ASP B 200 9.20 -20.34 26.04
N LYS B 201 8.65 -19.31 26.67
CA LYS B 201 7.84 -19.55 27.87
C LYS B 201 6.51 -20.21 27.52
N TYR B 202 5.86 -19.75 26.46
CA TYR B 202 4.55 -20.27 26.08
C TYR B 202 4.65 -21.49 25.17
N TYR B 203 5.51 -21.42 24.16
CA TYR B 203 5.59 -22.48 23.15
C TYR B 203 6.71 -23.48 23.42
N MET B 204 7.61 -23.18 24.38
CA MET B 204 8.74 -24.04 24.65
C MET B 204 9.58 -24.26 23.40
N ALA B 205 9.65 -23.26 22.54
CA ALA B 205 10.45 -23.31 21.33
C ALA B 205 10.40 -21.92 20.72
N SER B 206 11.35 -21.63 19.83
CA SER B 206 11.41 -20.33 19.19
C SER B 206 12.30 -20.41 17.95
N PRO B 207 11.98 -19.69 16.88
CA PRO B 207 12.89 -19.64 15.74
C PRO B 207 14.20 -18.95 16.10
N ASP B 208 15.19 -19.16 15.25
CA ASP B 208 16.47 -18.50 15.37
C ASP B 208 16.50 -17.26 14.48
N LEU B 209 17.35 -16.31 14.86
CA LEU B 209 17.46 -15.03 14.16
C LEU B 209 18.69 -15.03 13.25
N GLU B 210 18.53 -14.41 12.08
CA GLU B 210 19.63 -14.16 11.16
C GLU B 210 19.60 -12.69 10.78
N ILE B 211 20.72 -12.00 10.94
CA ILE B 211 20.83 -10.58 10.64
C ILE B 211 21.84 -10.38 9.52
N GLN B 212 21.50 -9.51 8.57
CA GLN B 212 22.42 -9.06 7.55
C GLN B 212 22.37 -7.55 7.48
N GLU B 213 23.49 -6.95 7.05
CA GLU B 213 23.60 -5.51 6.91
C GLU B 213 24.13 -5.18 5.52
N ILE B 214 23.60 -4.10 4.94
CA ILE B 214 23.97 -3.67 3.61
C ILE B 214 24.23 -2.17 3.63
N ASN B 215 25.44 -1.77 3.99
CA ASN B 215 25.83 -0.35 4.02
C ASN B 215 26.30 0.03 2.63
N ALA B 216 25.43 0.73 1.89
CA ALA B 216 25.73 1.04 0.49
C ALA B 216 26.87 2.05 0.39
N ALA B 217 26.75 3.18 1.11
CA ALA B 217 27.72 4.26 0.94
C ALA B 217 29.09 3.88 1.52
N ASN B 218 29.11 3.10 2.60
CA ASN B 218 30.35 2.74 3.28
C ASN B 218 30.30 1.24 3.59
N SER B 219 30.77 0.45 2.63
CA SER B 219 30.75 -1.01 2.80
C SER B 219 31.57 -1.41 4.02
N LYS B 220 31.02 -2.34 4.80
CA LYS B 220 31.59 -2.87 6.03
C LYS B 220 31.58 -1.88 7.18
N GLN B 221 31.09 -0.67 6.97
CA GLN B 221 30.94 0.25 8.08
C GLN B 221 29.72 -0.14 8.92
N PRO B 222 29.81 -0.07 10.24
CA PRO B 222 28.64 -0.43 11.06
C PRO B 222 27.52 0.58 10.88
N ILE B 223 26.30 0.06 10.73
CA ILE B 223 25.13 0.89 10.45
C ILE B 223 24.70 1.56 11.75
N HIS B 224 24.99 2.85 11.86
CA HIS B 224 24.56 3.68 12.98
C HIS B 224 23.67 4.79 12.46
N MET B 225 22.83 5.32 13.35
CA MET B 225 21.95 6.42 13.00
C MET B 225 21.63 7.22 14.25
N VAL B 226 20.89 8.30 14.05
CA VAL B 226 20.35 9.11 15.14
C VAL B 226 18.86 8.82 15.22
N TYR B 227 18.43 8.18 16.31
CA TYR B 227 17.03 7.79 16.45
C TYR B 227 16.73 7.55 17.91
N VAL B 228 15.45 7.37 18.21
CA VAL B 228 14.97 7.02 19.55
C VAL B 228 14.90 5.51 19.64
N PRO B 229 15.88 4.83 20.24
CA PRO B 229 15.83 3.35 20.27
C PRO B 229 14.62 2.79 20.99
N SER B 230 14.05 3.51 21.95
CA SER B 230 12.87 3.02 22.63
C SER B 230 11.71 2.88 21.65
N HIS B 231 11.56 3.84 20.74
CA HIS B 231 10.55 3.73 19.71
C HIS B 231 10.89 2.61 18.73
N LEU B 232 12.17 2.43 18.45
CA LEU B 232 12.60 1.36 17.54
C LEU B 232 12.46 -0.01 18.18
N TYR B 233 12.68 -0.09 19.50
CA TYR B 233 12.51 -1.37 20.19
C TYR B 233 11.06 -1.84 20.14
N HIS B 234 10.12 -0.91 20.32
CA HIS B 234 8.72 -1.28 20.35
C HIS B 234 8.26 -1.84 19.02
N MET B 235 8.73 -1.25 17.93
CA MET B 235 8.33 -1.73 16.61
C MET B 235 8.89 -3.12 16.33
N LEU B 236 10.19 -3.32 16.51
CA LEU B 236 10.78 -4.62 16.26
C LEU B 236 10.24 -5.67 17.21
N PHE B 237 9.94 -5.28 18.45
CA PHE B 237 9.40 -6.24 19.41
C PHE B 237 8.05 -6.76 18.96
N GLU B 238 7.18 -5.87 18.47
CA GLU B 238 5.86 -6.31 18.01
C GLU B 238 5.98 -7.20 16.79
N LEU B 239 6.90 -6.88 15.87
CA LEU B 239 7.02 -7.66 14.65
C LEU B 239 7.53 -9.07 14.94
N PHE B 240 8.46 -9.20 15.88
CA PHE B 240 8.95 -10.53 16.24
C PHE B 240 7.85 -11.37 16.89
N LYS B 241 7.01 -10.73 17.71
CA LYS B 241 5.97 -11.48 18.41
C LYS B 241 4.99 -12.10 17.43
N ASN B 242 4.68 -11.40 16.35
CA ASN B 242 3.79 -11.97 15.34
C ASN B 242 4.52 -12.92 14.41
N ALA B 243 5.79 -12.67 14.13
CA ALA B 243 6.55 -13.57 13.28
C ALA B 243 6.81 -14.90 13.99
N MET B 244 7.09 -14.87 15.29
CA MET B 244 7.37 -16.10 16.01
C MET B 244 6.13 -16.95 16.16
N ARG B 245 4.98 -16.33 16.44
CA ARG B 245 3.74 -17.09 16.56
C ARG B 245 3.39 -17.77 15.24
N ALA B 246 3.43 -17.02 14.14
CA ALA B 246 3.06 -17.58 12.85
C ALA B 246 4.02 -18.68 12.43
N THR B 247 5.32 -18.48 12.67
CA THR B 247 6.30 -19.52 12.35
C THR B 247 6.08 -20.76 13.22
N VAL B 248 5.77 -20.56 14.49
CA VAL B 248 5.58 -21.69 15.39
C VAL B 248 4.27 -22.41 15.08
N GLU B 249 3.17 -21.65 15.03
CA GLU B 249 1.86 -22.28 14.86
C GLU B 249 1.73 -22.95 13.50
N SER B 250 2.40 -22.43 12.49
CA SER B 250 2.34 -23.06 11.17
C SER B 250 3.13 -24.36 11.14
N HIS B 251 4.26 -24.42 11.87
CA HIS B 251 5.11 -25.60 11.92
C HIS B 251 4.94 -26.39 13.21
N GLU B 252 3.74 -26.36 13.80
CA GLU B 252 3.51 -27.09 15.04
C GLU B 252 3.60 -28.61 14.81
N SER B 253 3.11 -29.09 13.67
CA SER B 253 3.22 -30.50 13.35
C SER B 253 4.59 -30.83 12.76
N SER B 254 5.25 -29.86 12.14
CA SER B 254 6.59 -30.06 11.65
C SER B 254 7.60 -29.95 12.81
N LEU B 255 8.84 -30.31 12.52
CA LEU B 255 9.91 -30.31 13.52
C LEU B 255 10.73 -29.04 13.46
N ILE B 256 11.34 -28.74 12.31
CA ILE B 256 12.20 -27.58 12.19
C ILE B 256 11.36 -26.31 12.16
N LEU B 257 11.73 -25.34 12.99
CA LEU B 257 11.17 -24.00 12.92
C LEU B 257 12.05 -23.14 12.03
N PRO B 258 11.56 -22.65 10.88
CA PRO B 258 12.42 -21.83 10.03
C PRO B 258 12.82 -20.56 10.74
N PRO B 259 14.01 -20.03 10.44
CA PRO B 259 14.49 -18.85 11.17
C PRO B 259 13.80 -17.59 10.68
N ILE B 260 13.81 -16.59 11.55
CA ILE B 260 13.33 -15.25 11.23
C ILE B 260 14.54 -14.44 10.77
N LYS B 261 14.55 -14.07 9.49
CA LYS B 261 15.67 -13.37 8.90
C LYS B 261 15.41 -11.86 8.86
N VAL B 262 16.47 -11.09 9.04
CA VAL B 262 16.39 -9.63 9.07
C VAL B 262 17.53 -9.07 8.25
N MET B 263 17.27 -8.00 7.51
CA MET B 263 18.29 -7.27 6.79
C MET B 263 18.17 -5.79 7.12
N VAL B 264 19.32 -5.12 7.18
CA VAL B 264 19.39 -3.70 7.48
C VAL B 264 20.17 -3.03 6.35
N ALA B 265 19.47 -2.27 5.52
CA ALA B 265 20.05 -1.56 4.39
C ALA B 265 20.17 -0.08 4.71
N LEU B 266 21.31 0.51 4.33
CA LEU B 266 21.56 1.93 4.51
C LEU B 266 21.80 2.55 3.14
N GLY B 267 20.79 3.24 2.62
CA GLY B 267 20.89 3.95 1.36
C GLY B 267 21.40 5.36 1.56
N GLU B 268 21.22 6.18 0.52
CA GLU B 268 21.68 7.56 0.58
C GLU B 268 20.77 8.41 1.46
N GLU B 269 19.48 8.08 1.52
CA GLU B 269 18.53 8.89 2.28
C GLU B 269 17.68 8.02 3.20
N ASP B 270 17.40 6.79 2.78
CA ASP B 270 16.52 5.88 3.51
C ASP B 270 17.33 4.81 4.21
N LEU B 271 16.87 4.43 5.39
CA LEU B 271 17.39 3.29 6.14
C LEU B 271 16.25 2.28 6.30
N SER B 272 16.33 1.17 5.57
CA SER B 272 15.27 0.18 5.53
C SER B 272 15.63 -1.03 6.38
N ILE B 273 14.60 -1.66 6.94
CA ILE B 273 14.77 -2.84 7.79
C ILE B 273 13.71 -3.87 7.42
N LYS B 274 14.09 -4.87 6.63
CA LYS B 274 13.18 -5.94 6.25
C LYS B 274 13.28 -7.12 7.22
N MET B 275 12.13 -7.58 7.68
CA MET B 275 12.02 -8.80 8.48
C MET B 275 11.19 -9.82 7.70
N SER B 276 11.64 -11.07 7.71
CA SER B 276 11.00 -12.12 6.92
C SER B 276 10.84 -13.36 7.79
N ASP B 277 9.66 -13.97 7.75
CA ASP B 277 9.39 -15.25 8.38
C ASP B 277 9.02 -16.27 7.32
N ARG B 278 8.54 -17.43 7.77
CA ARG B 278 7.95 -18.44 6.89
C ARG B 278 6.79 -19.11 7.61
N GLY B 279 5.89 -18.29 8.14
CA GLY B 279 4.78 -18.78 8.93
C GLY B 279 3.54 -19.07 8.11
N GLY B 280 3.70 -19.37 6.82
CA GLY B 280 2.59 -19.77 5.97
C GLY B 280 1.85 -18.62 5.33
N GLY B 281 2.30 -17.39 5.53
CA GLY B 281 1.77 -16.24 4.83
C GLY B 281 0.30 -16.00 5.13
N VAL B 282 -0.24 -14.94 4.53
CA VAL B 282 -1.62 -14.52 4.76
C VAL B 282 -2.24 -14.12 3.45
N PRO B 283 -3.55 -14.34 3.30
CA PRO B 283 -4.24 -13.77 2.14
C PRO B 283 -4.16 -12.26 2.13
N LEU B 284 -4.26 -11.68 0.93
CA LEU B 284 -4.15 -10.24 0.79
C LEU B 284 -5.33 -9.53 1.43
N ARG B 285 -6.49 -10.17 1.47
CA ARG B 285 -7.68 -9.51 2.00
C ARG B 285 -7.55 -9.20 3.48
N LYS B 286 -6.90 -10.08 4.23
CA LYS B 286 -6.80 -9.92 5.68
C LYS B 286 -5.68 -8.99 6.10
N ILE B 287 -4.90 -8.45 5.17
CA ILE B 287 -3.81 -7.55 5.55
C ILE B 287 -4.36 -6.25 6.08
N GLU B 288 -5.53 -5.83 5.61
CA GLU B 288 -6.12 -4.59 6.07
C GLU B 288 -6.44 -4.65 7.56
N ARG B 289 -7.09 -5.74 8.00
CA ARG B 289 -7.53 -5.85 9.38
C ARG B 289 -6.36 -5.91 10.35
N LEU B 290 -5.17 -6.25 9.88
CA LEU B 290 -4.01 -6.25 10.77
C LEU B 290 -3.65 -4.84 11.21
N PHE B 291 -3.88 -3.84 10.36
CA PHE B 291 -3.61 -2.45 10.70
C PHE B 291 -4.82 -1.71 11.22
N SER B 292 -6.00 -2.33 11.23
CA SER B 292 -7.23 -1.69 11.67
C SER B 292 -7.38 -1.81 13.18
N TYR B 293 -7.72 -0.68 13.82
CA TYR B 293 -7.99 -0.72 15.25
C TYR B 293 -9.22 -1.56 15.57
N MET B 294 -10.27 -1.40 14.77
CA MET B 294 -11.54 -2.05 15.07
C MET B 294 -11.45 -3.56 14.86
N TYR B 295 -10.87 -3.98 13.73
CA TYR B 295 -10.82 -5.40 13.41
C TYR B 295 -9.75 -6.14 14.23
N SER B 296 -8.68 -5.45 14.59
CA SER B 296 -7.73 -6.05 15.53
C SER B 296 -8.29 -6.08 16.93
N THR B 297 -9.14 -5.11 17.27
CA THR B 297 -9.80 -5.12 18.57
C THR B 297 -10.77 -6.30 18.65
N ALA B 298 -10.72 -7.01 19.77
CA ALA B 298 -11.61 -8.13 20.02
C ALA B 298 -12.10 -8.10 21.46
N PRO B 299 -13.15 -8.85 21.81
CA PRO B 299 -13.63 -8.88 23.20
C PRO B 299 -12.58 -9.39 24.18
N LEU B 310 3.61 -14.46 23.42
CA LEU B 310 3.65 -13.56 22.28
C LEU B 310 2.35 -12.77 22.17
N ALA B 311 2.23 -11.98 21.11
CA ALA B 311 1.10 -11.08 20.93
C ALA B 311 0.19 -11.59 19.82
N GLY B 312 -1.07 -11.18 19.90
CA GLY B 312 -2.01 -11.52 18.85
C GLY B 312 -1.65 -10.88 17.52
N PHE B 313 -2.10 -11.50 16.44
CA PHE B 313 -1.79 -11.04 15.09
C PHE B 313 -2.44 -9.68 14.86
N GLY B 314 -1.65 -8.62 14.93
CA GLY B 314 -2.13 -7.28 14.68
C GLY B 314 -2.49 -6.46 15.91
N TYR B 315 -1.97 -6.81 17.09
CA TYR B 315 -2.30 -6.08 18.31
C TYR B 315 -1.67 -4.70 18.31
N GLY B 316 -0.34 -4.65 18.48
CA GLY B 316 0.36 -3.39 18.57
C GLY B 316 0.85 -2.89 17.22
N LEU B 317 0.25 -3.40 16.16
CA LEU B 317 0.73 -3.12 14.81
C LEU B 317 0.24 -1.77 14.30
N PRO B 318 -1.01 -1.38 14.58
CA PRO B 318 -1.42 -0.01 14.20
C PRO B 318 -0.55 1.07 14.84
N ILE B 319 -0.28 0.95 16.14
CA ILE B 319 0.56 1.94 16.79
C ILE B 319 2.00 1.82 16.34
N SER B 320 2.42 0.62 15.94
CA SER B 320 3.78 0.45 15.45
C SER B 320 4.00 1.25 14.17
N ARG B 321 3.01 1.26 13.28
CA ARG B 321 3.13 2.05 12.06
C ARG B 321 3.18 3.54 12.36
N LEU B 322 2.54 3.98 13.45
CA LEU B 322 2.56 5.39 13.79
C LEU B 322 3.94 5.82 14.30
N TYR B 323 4.61 4.96 15.05
CA TYR B 323 5.96 5.29 15.50
C TYR B 323 6.89 5.51 14.30
N ALA B 324 6.71 4.75 13.22
CA ALA B 324 7.55 4.90 12.05
C ALA B 324 7.30 6.23 11.36
N LYS B 325 6.04 6.58 11.14
CA LYS B 325 5.71 7.82 10.47
C LYS B 325 6.02 9.05 11.30
N TYR B 326 6.34 8.89 12.59
CA TYR B 326 6.57 10.05 13.44
C TYR B 326 7.79 10.85 13.00
N PHE B 327 8.74 10.19 12.32
CA PHE B 327 9.89 10.88 11.76
C PHE B 327 9.99 10.60 10.27
N GLN B 328 8.89 10.78 9.56
CA GLN B 328 8.87 10.66 8.11
C GLN B 328 9.19 9.25 7.64
N GLY B 329 8.81 8.26 8.44
CA GLY B 329 8.96 6.87 8.08
C GLY B 329 7.67 6.23 7.65
N ASP B 330 7.67 4.90 7.61
CA ASP B 330 6.47 4.14 7.28
C ASP B 330 6.74 2.68 7.61
N LEU B 331 5.65 1.91 7.70
CA LEU B 331 5.72 0.48 7.98
C LEU B 331 4.71 -0.24 7.11
N GLN B 332 5.17 -1.27 6.40
CA GLN B 332 4.35 -1.94 5.41
C GLN B 332 4.52 -3.45 5.52
N LEU B 333 3.45 -4.17 5.21
CA LEU B 333 3.42 -5.63 5.26
C LEU B 333 3.18 -6.18 3.86
N PHE B 334 3.91 -7.24 3.53
CA PHE B 334 3.75 -7.94 2.26
C PHE B 334 3.85 -9.43 2.51
N SER B 335 2.77 -10.14 2.24
CA SER B 335 2.69 -11.57 2.52
C SER B 335 2.42 -12.36 1.25
N MET B 336 2.87 -13.61 1.25
CA MET B 336 2.59 -14.56 0.17
C MET B 336 1.98 -15.80 0.82
N GLU B 337 0.68 -15.99 0.62
CA GLU B 337 0.00 -17.09 1.29
C GLU B 337 0.60 -18.42 0.88
N GLY B 338 0.76 -19.31 1.85
CA GLY B 338 1.42 -20.58 1.65
C GLY B 338 2.90 -20.59 1.93
N PHE B 339 3.52 -19.42 2.06
CA PHE B 339 4.95 -19.35 2.32
C PHE B 339 5.24 -18.54 3.57
N GLY B 340 5.22 -17.22 3.47
CA GLY B 340 5.59 -16.41 4.60
C GLY B 340 5.20 -14.97 4.40
N THR B 341 5.80 -14.10 5.21
CA THR B 341 5.44 -12.68 5.23
C THR B 341 6.71 -11.84 5.36
N ASP B 342 6.68 -10.67 4.73
CA ASP B 342 7.74 -9.68 4.83
C ASP B 342 7.20 -8.40 5.47
N ALA B 343 8.07 -7.71 6.20
CA ALA B 343 7.73 -6.46 6.87
C ALA B 343 8.93 -5.54 6.80
N VAL B 344 8.71 -4.32 6.30
CA VAL B 344 9.79 -3.36 6.04
C VAL B 344 9.52 -2.10 6.85
N ILE B 345 10.54 -1.63 7.56
CA ILE B 345 10.49 -0.37 8.30
C ILE B 345 11.35 0.63 7.53
N TYR B 346 10.72 1.65 6.96
CA TYR B 346 11.43 2.70 6.25
C TYR B 346 11.69 3.86 7.20
N LEU B 347 12.96 4.25 7.33
CA LEU B 347 13.37 5.35 8.16
C LEU B 347 14.26 6.30 7.37
N LYS B 348 14.22 7.57 7.76
CA LYS B 348 15.13 8.54 7.18
C LYS B 348 16.52 8.35 7.76
N ALA B 349 17.51 8.21 6.87
CA ALA B 349 18.88 7.98 7.33
C ALA B 349 19.48 9.24 7.93
N LEU B 350 19.17 10.40 7.34
CA LEU B 350 19.78 11.67 7.75
C LEU B 350 18.86 12.38 8.75
N SER B 351 19.48 12.94 9.80
CA SER B 351 18.73 13.72 10.77
C SER B 351 18.14 14.98 10.17
N THR B 352 18.71 15.45 9.06
CA THR B 352 18.14 16.62 8.41
C THR B 352 16.71 16.37 7.95
N ASP B 353 16.47 15.21 7.34
CA ASP B 353 15.14 14.86 6.87
C ASP B 353 14.24 14.27 7.96
N SER B 354 14.78 14.00 9.14
CA SER B 354 13.99 13.48 10.25
C SER B 354 13.26 14.63 10.92
N VAL B 355 11.97 14.76 10.62
CA VAL B 355 11.15 15.84 11.14
C VAL B 355 9.83 15.28 11.66
N GLU B 356 9.30 15.91 12.68
CA GLU B 356 8.05 15.47 13.28
C GLU B 356 6.91 15.58 12.28
N ARG B 357 6.20 14.47 12.08
CA ARG B 357 4.93 14.49 11.36
C ARG B 357 3.81 14.69 12.37
N LEU B 358 3.29 15.91 12.43
CA LEU B 358 2.24 16.26 13.37
C LEU B 358 0.90 16.37 12.67
N PRO B 359 -0.21 16.06 13.35
CA PRO B 359 -1.53 16.18 12.74
C PRO B 359 -1.97 17.64 12.59
#